data_3TSB
#
_entry.id   3TSB
#
_cell.length_a   123.026
_cell.length_b   123.026
_cell.length_c   140.718
_cell.angle_alpha   90.00
_cell.angle_beta   90.00
_cell.angle_gamma   90.00
#
_symmetry.space_group_name_H-M   'I 4'
#
loop_
_entity.id
_entity.type
_entity.pdbx_description
1 polymer "Inosine-5'-monophosphate dehydrogenase"
2 non-polymer 'PHOSPHATE ION'
3 water water
#
_entity_poly.entity_id   1
_entity_poly.type   'polypeptide(L)'
_entity_poly.pdbx_seq_one_letter_code
;MHHHHHHSSGVDLGTENLYFQSNAMWESKFVKEGLTFDDVLLVPAKSDVLPREVSVKTVLSESLQLNIPLISAGMDTVTE
ADMAIAMARQGGLGIIHKNMSIEQQAEQVDKVKRSESGVISDPFFLTPEHQVYDAEHLMGKYRISGVPVVNNLDERKLVG
IITNRDMRFIQDYSIKISDVMTKEQLITAPVGTTLSEAEKILQKYKIEKLPLVDNNGVLQGLITIKDIEKVIEFPNSAKD
KQGRLLVGAAVGVTADAMTRIDALVKASVDAIVLDTAHGHSQGVIDKVKEVRAKYPSLNIIAGNVATAEATKALIEAGAN
VVKVGIGPGSICTTRVVAGVGVPQLTAVYDCATEARKHGIPVIADGGIKYSGDMVKALAAGAHVVMLGSMFAGVAESPGE
TEIYQGRQFKVYRGMGSVGAMEKGSKDRYFQEGNKKLVPEGIEGRVPYKGPLADTVHQLVGGLRAGMGYCGAQDLEFLRE
NAQFIRMSGAGLLESHPHHVQITKEAPNYSL
;
_entity_poly.pdbx_strand_id   A,B
#
# COMPACT_ATOMS: atom_id res chain seq x y z
N GLN A 21 58.94 19.28 16.01
CA GLN A 21 58.38 17.96 16.32
C GLN A 21 58.44 17.02 15.10
N SER A 22 59.64 16.64 14.71
CA SER A 22 59.86 15.84 13.52
C SER A 22 58.99 14.58 13.47
N ASN A 23 58.96 13.82 14.57
CA ASN A 23 58.30 12.52 14.60
C ASN A 23 56.86 12.48 15.15
N ALA A 24 56.32 13.64 15.48
CA ALA A 24 54.98 13.73 16.08
C ALA A 24 53.86 13.03 15.29
N MET A 25 53.77 13.28 13.98
CA MET A 25 52.76 12.61 13.14
C MET A 25 52.88 11.09 13.26
N TRP A 26 54.12 10.62 13.30
CA TRP A 26 54.37 9.20 13.23
C TRP A 26 53.93 8.54 14.52
N GLU A 27 54.11 9.24 15.62
CA GLU A 27 53.80 8.64 16.88
C GLU A 27 52.39 8.71 17.33
N SER A 28 51.65 9.61 16.75
CA SER A 28 50.26 9.80 17.11
C SER A 28 49.31 8.96 16.26
N LYS A 29 49.88 8.09 15.41
CA LYS A 29 49.09 7.27 14.48
C LYS A 29 47.91 6.51 15.10
N PHE A 30 48.19 5.80 16.19
CA PHE A 30 47.19 4.99 16.85
C PHE A 30 46.46 5.53 18.09
N VAL A 31 46.77 6.76 18.53
CA VAL A 31 46.17 7.26 19.77
C VAL A 31 44.65 7.49 19.80
N LYS A 32 44.04 7.89 18.69
CA LYS A 32 42.61 8.23 18.68
C LYS A 32 41.69 7.02 18.85
N GLU A 33 40.57 7.22 19.54
CA GLU A 33 39.61 6.15 19.82
C GLU A 33 38.19 6.64 19.47
N GLY A 34 37.47 5.90 18.64
CA GLY A 34 36.09 6.21 18.36
C GLY A 34 35.01 5.30 18.93
N LEU A 35 33.78 5.81 18.88
CA LEU A 35 32.63 5.13 19.45
C LEU A 35 31.50 5.25 18.46
N THR A 36 30.65 4.24 18.43
CA THR A 36 29.48 4.32 17.61
C THR A 36 28.25 4.05 18.47
N PHE A 37 27.06 4.02 17.88
CA PHE A 37 25.81 3.79 18.60
C PHE A 37 25.79 2.56 19.54
N ASP A 38 26.27 1.42 19.06
CA ASP A 38 26.26 0.20 19.87
C ASP A 38 27.26 0.15 21.03
N ASP A 39 28.14 1.14 21.17
CA ASP A 39 29.12 1.16 22.25
C ASP A 39 28.62 1.89 23.49
N VAL A 40 27.40 2.37 23.47
CA VAL A 40 27.05 3.48 24.32
C VAL A 40 25.54 3.45 24.69
N LEU A 41 25.20 3.89 25.90
CA LEU A 41 23.81 4.05 26.29
C LEU A 41 23.66 5.42 26.87
N LEU A 42 22.47 6.01 26.73
CA LEU A 42 22.16 7.27 27.40
C LEU A 42 21.80 7.03 28.86
N VAL A 43 22.34 7.87 29.73
CA VAL A 43 22.09 7.80 31.17
C VAL A 43 20.84 8.56 31.55
N PRO A 44 19.92 7.88 32.24
CA PRO A 44 18.64 8.50 32.63
C PRO A 44 18.90 9.59 33.65
N ALA A 45 17.98 10.54 33.74
CA ALA A 45 18.23 11.72 34.55
C ALA A 45 16.95 12.31 35.11
N LYS A 46 17.09 13.19 36.11
CA LYS A 46 15.98 13.82 36.79
C LYS A 46 15.09 14.48 35.76
N SER A 47 13.81 14.14 35.80
CA SER A 47 12.90 14.55 34.75
C SER A 47 11.55 15.04 35.28
N ASP A 48 11.22 16.30 35.04
CA ASP A 48 9.84 16.76 35.28
C ASP A 48 8.98 16.82 34.01
N VAL A 49 9.55 16.43 32.89
CA VAL A 49 8.83 16.52 31.62
C VAL A 49 8.43 15.16 31.04
N LEU A 50 7.16 15.01 30.69
CA LEU A 50 6.68 13.76 30.11
C LEU A 50 6.91 13.72 28.60
N PRO A 51 7.09 12.50 28.04
CA PRO A 51 7.25 12.28 26.60
C PRO A 51 6.21 13.04 25.77
N ARG A 52 4.96 13.02 26.24
CA ARG A 52 3.86 13.69 25.57
C ARG A 52 4.09 15.18 25.36
N GLU A 53 4.72 15.84 26.33
CA GLU A 53 4.84 17.31 26.31
C GLU A 53 6.11 17.87 25.67
N VAL A 54 7.10 17.04 25.42
CA VAL A 54 8.37 17.54 24.92
C VAL A 54 8.30 18.12 23.52
N SER A 55 9.18 19.06 23.24
CA SER A 55 9.23 19.66 21.92
C SER A 55 10.31 19.04 21.07
N VAL A 56 9.92 18.53 19.91
CA VAL A 56 10.86 17.89 19.01
C VAL A 56 11.24 18.71 17.77
N LYS A 57 10.89 19.98 17.77
CA LYS A 57 11.20 20.87 16.66
C LYS A 57 12.67 21.25 16.58
N THR A 58 13.17 21.48 15.37
CA THR A 58 14.53 21.95 15.17
C THR A 58 14.64 23.03 14.12
N VAL A 59 15.47 24.02 14.39
CA VAL A 59 15.77 25.09 13.44
C VAL A 59 17.13 24.85 12.82
N LEU A 60 17.14 24.51 11.53
CA LEU A 60 18.40 24.45 10.79
C LEU A 60 18.81 25.83 10.30
N SER A 61 17.84 26.74 10.20
CA SER A 61 18.09 28.14 9.84
C SER A 61 16.75 28.83 9.92
N GLU A 62 16.74 30.16 9.86
CA GLU A 62 15.47 30.90 9.98
C GLU A 62 14.50 30.57 8.85
N SER A 63 15.05 30.19 7.70
CA SER A 63 14.22 29.80 6.56
C SER A 63 14.03 28.30 6.45
N LEU A 64 14.63 27.54 7.36
CA LEU A 64 14.44 26.09 7.43
C LEU A 64 14.06 25.67 8.84
N GLN A 65 12.81 25.28 9.04
CA GLN A 65 12.37 24.96 10.40
C GLN A 65 11.55 23.67 10.42
N LEU A 66 12.07 22.63 11.08
CA LEU A 66 11.43 21.33 11.06
C LEU A 66 10.63 21.08 12.32
N ASN A 67 9.52 20.38 12.21
CA ASN A 67 8.74 20.02 13.40
C ASN A 67 9.10 18.66 13.94
N ILE A 68 9.95 17.97 13.18
CA ILE A 68 10.55 16.72 13.61
C ILE A 68 11.98 16.70 13.05
N PRO A 69 12.91 16.08 13.78
CA PRO A 69 14.33 16.13 13.43
C PRO A 69 14.72 15.05 12.44
N LEU A 70 14.09 15.06 11.27
CA LEU A 70 14.24 13.99 10.30
C LEU A 70 14.33 14.54 8.91
N ILE A 71 15.28 14.00 8.15
CA ILE A 71 15.42 14.30 6.74
C ILE A 71 15.56 12.99 5.98
N SER A 72 14.93 12.86 4.81
CA SER A 72 15.16 11.69 3.96
C SER A 72 16.32 11.94 2.99
N ALA A 73 17.27 11.00 2.93
CA ALA A 73 18.49 11.15 2.12
C ALA A 73 18.19 11.36 0.66
N GLY A 74 18.86 12.30 -0.02
CA GLY A 74 18.73 12.23 -1.47
C GLY A 74 19.50 11.04 -2.01
N MET A 75 18.76 10.05 -2.51
CA MET A 75 19.31 8.84 -3.07
C MET A 75 18.21 8.40 -4.01
N ASP A 76 18.55 7.78 -5.14
CA ASP A 76 17.53 7.46 -6.12
C ASP A 76 16.56 6.36 -5.65
N THR A 77 16.93 5.64 -4.60
CA THR A 77 16.01 4.67 -4.01
C THR A 77 15.25 5.21 -2.79
N VAL A 78 15.47 6.46 -2.42
CA VAL A 78 14.87 7.00 -1.18
C VAL A 78 13.93 8.17 -1.42
N THR A 79 14.43 9.28 -1.99
CA THR A 79 13.59 10.46 -2.08
C THR A 79 13.35 11.03 -3.46
N GLU A 80 12.07 11.19 -3.79
CA GLU A 80 11.60 11.95 -4.95
C GLU A 80 10.37 12.72 -4.46
N ALA A 81 9.60 13.30 -5.37
CA ALA A 81 8.55 14.27 -4.99
C ALA A 81 7.58 13.78 -3.94
N ASP A 82 7.01 12.59 -4.10
CA ASP A 82 6.06 12.10 -3.11
C ASP A 82 6.66 11.88 -1.75
N MET A 83 7.90 11.41 -1.72
CA MET A 83 8.56 11.18 -0.44
C MET A 83 8.78 12.53 0.21
N ALA A 84 9.15 13.52 -0.58
CA ALA A 84 9.38 14.87 -0.08
C ALA A 84 8.09 15.53 0.41
N ILE A 85 6.98 15.24 -0.25
CA ILE A 85 5.70 15.76 0.18
C ILE A 85 5.35 15.12 1.52
N ALA A 86 5.44 13.79 1.55
CA ALA A 86 5.16 13.02 2.76
C ALA A 86 6.00 13.46 3.96
N MET A 87 7.31 13.56 3.76
CA MET A 87 8.20 13.98 4.83
C MET A 87 7.86 15.37 5.34
N ALA A 88 7.71 16.32 4.40
CA ALA A 88 7.36 17.68 4.76
C ALA A 88 6.03 17.73 5.53
N ARG A 89 5.08 16.89 5.12
CA ARG A 89 3.78 16.84 5.76
C ARG A 89 3.83 16.36 7.20
N GLN A 90 4.87 15.58 7.53
CA GLN A 90 5.03 15.06 8.86
C GLN A 90 5.85 16.00 9.74
N GLY A 91 6.44 17.01 9.13
CA GLY A 91 7.33 17.92 9.81
C GLY A 91 8.81 17.86 9.46
N GLY A 92 9.22 16.88 8.67
CA GLY A 92 10.62 16.79 8.25
C GLY A 92 10.89 17.37 6.86
N LEU A 93 11.94 16.88 6.21
CA LEU A 93 12.39 17.39 4.92
C LEU A 93 12.86 16.26 3.99
N GLY A 94 12.38 16.28 2.75
CA GLY A 94 12.93 15.41 1.72
C GLY A 94 14.08 16.09 0.99
N ILE A 95 15.08 15.32 0.57
CA ILE A 95 16.10 15.86 -0.32
C ILE A 95 15.97 15.14 -1.64
N ILE A 96 15.51 15.86 -2.67
CA ILE A 96 15.39 15.22 -3.98
C ILE A 96 16.78 14.92 -4.52
N HIS A 97 16.96 13.69 -5.03
CA HIS A 97 18.25 13.23 -5.55
C HIS A 97 18.65 13.87 -6.89
N LYS A 98 19.91 13.81 -7.26
CA LYS A 98 20.42 14.40 -8.50
C LYS A 98 20.66 13.45 -9.64
N ASN A 99 20.19 12.25 -9.51
CA ASN A 99 20.43 11.15 -10.44
C ASN A 99 19.45 11.24 -11.61
N MET A 100 18.85 12.42 -11.74
CA MET A 100 18.00 12.81 -12.85
C MET A 100 18.55 14.11 -13.46
N SER A 101 18.05 14.46 -14.63
CA SER A 101 18.46 15.67 -15.33
C SER A 101 18.02 16.92 -14.57
N ILE A 102 18.67 18.04 -14.89
CA ILE A 102 18.35 19.33 -14.26
C ILE A 102 16.88 19.73 -14.41
N GLU A 103 16.32 19.51 -15.60
CA GLU A 103 14.93 19.82 -15.86
C GLU A 103 14.11 18.98 -14.93
N GLN A 104 14.45 17.69 -14.91
CA GLN A 104 13.69 16.73 -14.13
C GLN A 104 13.76 17.03 -12.63
N GLN A 105 14.94 17.43 -12.14
CA GLN A 105 15.07 17.68 -10.72
C GLN A 105 14.33 18.94 -10.28
N ALA A 106 14.38 19.98 -11.09
CA ALA A 106 13.67 21.21 -10.80
C ALA A 106 12.16 21.00 -10.90
N GLU A 107 11.74 20.16 -11.84
CA GLU A 107 10.31 19.83 -11.94
C GLU A 107 9.79 19.17 -10.66
N GLN A 108 10.60 18.28 -10.10
CA GLN A 108 10.27 17.62 -8.84
C GLN A 108 10.15 18.64 -7.70
N VAL A 109 11.14 19.52 -7.56
CA VAL A 109 11.10 20.57 -6.57
C VAL A 109 9.78 21.38 -6.70
N ASP A 110 9.51 21.90 -7.88
CA ASP A 110 8.27 22.59 -8.18
C ASP A 110 6.97 21.83 -7.75
N LYS A 111 6.93 20.51 -7.97
CA LYS A 111 5.76 19.72 -7.57
C LYS A 111 5.59 19.79 -6.06
N VAL A 112 6.71 19.80 -5.34
CA VAL A 112 6.62 19.80 -3.89
C VAL A 112 6.19 21.17 -3.38
N LYS A 113 6.76 22.21 -3.95
CA LYS A 113 6.43 23.58 -3.55
C LYS A 113 4.96 23.88 -3.79
N ARG A 114 4.40 23.32 -4.85
CA ARG A 114 3.03 23.63 -5.28
C ARG A 114 1.94 22.67 -4.77
N SER A 115 2.35 21.70 -3.94
CA SER A 115 1.43 20.74 -3.38
C SER A 115 0.31 21.45 -2.58
N GLU A 116 0.72 22.43 -1.77
CA GLU A 116 -0.18 23.24 -0.98
C GLU A 116 0.20 24.70 -1.14
N SER A 117 -0.82 25.54 -1.28
CA SER A 117 -0.64 27.00 -1.30
C SER A 117 0.28 27.44 -2.40
N GLY A 118 0.41 26.62 -3.43
CA GLY A 118 1.38 26.86 -4.47
C GLY A 118 1.00 27.91 -5.50
N VAL A 119 -0.30 28.00 -5.80
CA VAL A 119 -0.82 28.99 -6.75
C VAL A 119 -1.40 30.28 -6.16
N ILE A 120 -1.28 30.46 -4.86
CA ILE A 120 -1.78 31.67 -4.24
C ILE A 120 -1.12 32.94 -4.78
N SER A 121 0.19 32.94 -4.92
CA SER A 121 0.80 34.15 -5.41
C SER A 121 1.31 34.05 -6.81
N ASP A 122 1.41 32.85 -7.33
CA ASP A 122 1.96 32.68 -8.67
C ASP A 122 1.20 31.61 -9.42
N PRO A 123 -0.02 31.94 -9.86
CA PRO A 123 -0.95 30.97 -10.45
C PRO A 123 -0.57 30.60 -11.87
N PHE A 124 -0.86 29.36 -12.27
CA PHE A 124 -0.91 29.06 -13.70
C PHE A 124 -2.24 29.51 -14.30
N PHE A 125 -2.28 29.72 -15.61
CA PHE A 125 -3.53 30.11 -16.27
C PHE A 125 -3.53 29.74 -17.73
N LEU A 126 -4.71 29.77 -18.32
CA LEU A 126 -4.92 29.48 -19.74
C LEU A 126 -5.81 30.53 -20.38
N THR A 127 -5.88 30.49 -21.70
CA THR A 127 -6.75 31.35 -22.47
C THR A 127 -7.73 30.42 -23.14
N PRO A 128 -8.89 30.94 -23.55
CA PRO A 128 -9.94 30.09 -24.13
C PRO A 128 -9.49 29.35 -25.40
N GLU A 129 -8.39 29.82 -25.98
CA GLU A 129 -7.84 29.22 -27.21
C GLU A 129 -6.95 28.00 -26.95
N HIS A 130 -6.58 27.75 -25.70
CA HIS A 130 -5.88 26.52 -25.37
C HIS A 130 -6.84 25.35 -25.48
N GLN A 131 -6.30 24.16 -25.72
CA GLN A 131 -7.07 22.93 -25.66
C GLN A 131 -7.23 22.40 -24.24
N VAL A 132 -8.28 21.63 -24.02
CA VAL A 132 -8.50 20.90 -22.78
C VAL A 132 -7.27 20.06 -22.39
N TYR A 133 -6.48 19.62 -23.38
CA TYR A 133 -5.23 18.91 -23.12
C TYR A 133 -4.31 19.65 -22.15
N ASP A 134 -4.14 20.95 -22.37
CA ASP A 134 -3.31 21.78 -21.49
C ASP A 134 -3.84 21.81 -20.05
N ALA A 135 -5.16 21.93 -19.92
CA ALA A 135 -5.80 21.99 -18.61
C ALA A 135 -5.64 20.66 -17.89
N GLU A 136 -5.74 19.57 -18.64
CA GLU A 136 -5.54 18.25 -18.06
C GLU A 136 -4.09 18.11 -17.59
N HIS A 137 -3.18 18.63 -18.39
CA HIS A 137 -1.78 18.60 -18.06
C HIS A 137 -1.43 19.26 -16.73
N LEU A 138 -1.90 20.49 -16.54
CA LEU A 138 -1.59 21.24 -15.33
C LEU A 138 -2.18 20.58 -14.09
N MET A 139 -3.42 20.16 -14.19
CA MET A 139 -4.13 19.56 -13.08
C MET A 139 -3.46 18.28 -12.61
N GLY A 140 -3.04 17.46 -13.57
CA GLY A 140 -2.34 16.22 -13.28
C GLY A 140 -0.92 16.41 -12.76
N LYS A 141 -0.26 17.45 -13.27
CA LYS A 141 1.12 17.73 -12.87
C LYS A 141 1.19 18.19 -11.42
N TYR A 142 0.33 19.14 -11.06
CA TYR A 142 0.31 19.68 -9.69
C TYR A 142 -0.73 19.08 -8.72
N ARG A 143 -1.57 18.17 -9.21
CA ARG A 143 -2.69 17.65 -8.43
C ARG A 143 -3.62 18.74 -7.89
N ILE A 144 -3.81 19.77 -8.70
CA ILE A 144 -4.71 20.88 -8.35
C ILE A 144 -6.00 20.79 -9.17
N SER A 145 -7.13 20.84 -8.48
CA SER A 145 -8.41 20.50 -9.11
C SER A 145 -9.01 21.50 -10.12
N GLY A 146 -8.41 22.68 -10.30
CA GLY A 146 -8.93 23.58 -11.31
C GLY A 146 -7.96 24.58 -11.91
N VAL A 147 -8.25 24.99 -13.14
CA VAL A 147 -7.36 25.87 -13.89
C VAL A 147 -8.00 27.20 -14.26
N PRO A 148 -7.47 28.30 -13.73
CA PRO A 148 -8.10 29.56 -14.11
C PRO A 148 -7.82 29.92 -15.57
N VAL A 149 -8.75 30.63 -16.19
CA VAL A 149 -8.67 30.99 -17.59
C VAL A 149 -8.72 32.50 -17.70
N VAL A 150 -7.84 33.06 -18.55
CA VAL A 150 -7.80 34.50 -18.74
C VAL A 150 -8.03 34.87 -20.20
N ASN A 151 -8.45 36.11 -20.45
CA ASN A 151 -8.78 36.52 -21.81
C ASN A 151 -7.60 36.41 -22.78
N ASN A 152 -6.41 36.81 -22.31
CA ASN A 152 -5.17 36.60 -23.06
C ASN A 152 -3.99 36.76 -22.12
N LEU A 153 -2.78 36.54 -22.62
CA LEU A 153 -1.62 36.37 -21.74
C LEU A 153 -1.01 37.66 -21.19
N ASP A 154 -1.37 38.79 -21.80
CA ASP A 154 -0.82 40.09 -21.43
C ASP A 154 -1.65 40.75 -20.34
N GLU A 155 -2.89 41.06 -20.69
CA GLU A 155 -3.83 41.63 -19.76
C GLU A 155 -4.07 40.70 -18.58
N ARG A 156 -4.30 39.42 -18.89
CA ARG A 156 -4.57 38.40 -17.89
C ARG A 156 -5.86 38.66 -17.12
N LYS A 157 -6.87 39.15 -17.81
CA LYS A 157 -8.19 39.35 -17.20
C LYS A 157 -8.88 38.00 -16.99
N LEU A 158 -9.31 37.71 -15.77
CA LEU A 158 -9.87 36.40 -15.51
C LEU A 158 -11.23 36.32 -16.17
N VAL A 159 -11.40 35.39 -17.11
CA VAL A 159 -12.74 35.09 -17.65
C VAL A 159 -13.46 33.84 -17.12
N GLY A 160 -12.82 33.04 -16.28
CA GLY A 160 -13.46 31.82 -15.79
C GLY A 160 -12.52 30.68 -15.41
N ILE A 161 -13.10 29.56 -15.00
CA ILE A 161 -12.29 28.45 -14.51
C ILE A 161 -12.78 27.08 -14.94
N ILE A 162 -11.87 26.30 -15.51
CA ILE A 162 -12.15 24.92 -15.84
C ILE A 162 -11.65 24.00 -14.71
N THR A 163 -12.54 23.17 -14.19
CA THR A 163 -12.21 22.36 -13.03
C THR A 163 -12.45 20.89 -13.31
N ASN A 164 -12.12 20.04 -12.33
CA ASN A 164 -12.30 18.59 -12.39
C ASN A 164 -13.75 18.21 -12.59
N ARG A 165 -14.64 19.08 -12.12
CA ARG A 165 -16.07 18.87 -12.27
C ARG A 165 -16.51 19.16 -13.70
N ASP A 166 -15.88 20.12 -14.34
CA ASP A 166 -16.16 20.45 -15.73
C ASP A 166 -15.63 19.37 -16.63
N MET A 167 -14.63 18.70 -16.12
CA MET A 167 -13.85 17.76 -16.91
C MET A 167 -14.60 16.47 -17.17
N ARG A 168 -15.39 16.04 -16.19
CA ARG A 168 -16.06 14.75 -16.27
C ARG A 168 -17.11 14.72 -17.36
N PHE A 169 -17.45 15.88 -17.89
CA PHE A 169 -18.41 15.97 -18.99
C PHE A 169 -17.74 16.06 -20.35
N ILE A 170 -16.41 16.10 -20.35
CA ILE A 170 -15.67 16.25 -21.59
C ILE A 170 -15.07 14.92 -22.02
N GLN A 171 -15.26 14.60 -23.30
CA GLN A 171 -14.93 13.29 -23.84
C GLN A 171 -13.62 13.38 -24.61
N ASP A 172 -13.62 14.18 -25.67
CA ASP A 172 -12.42 14.48 -26.44
C ASP A 172 -11.70 15.73 -25.91
N TYR A 173 -10.47 15.57 -25.44
CA TYR A 173 -9.75 16.67 -24.81
C TYR A 173 -9.07 17.59 -25.84
N SER A 174 -9.23 17.26 -27.11
CA SER A 174 -8.59 18.03 -28.16
C SER A 174 -9.28 19.36 -28.40
N ILE A 175 -10.46 19.55 -27.81
CA ILE A 175 -11.25 20.77 -28.03
C ILE A 175 -10.78 22.00 -27.27
N LYS A 176 -11.13 23.17 -27.78
CA LYS A 176 -10.72 24.43 -27.17
C LYS A 176 -11.50 24.79 -25.91
N ILE A 177 -10.83 25.47 -25.00
CA ILE A 177 -11.39 25.79 -23.69
C ILE A 177 -12.71 26.56 -23.80
N SER A 178 -12.73 27.54 -24.70
CA SER A 178 -13.90 28.41 -24.89
C SER A 178 -15.20 27.65 -25.12
N ASP A 179 -15.09 26.45 -25.68
CA ASP A 179 -16.27 25.66 -26.01
C ASP A 179 -16.92 25.00 -24.79
N VAL A 180 -16.09 24.63 -23.80
CA VAL A 180 -16.61 23.94 -22.61
C VAL A 180 -16.96 24.82 -21.44
N MET A 181 -16.59 26.10 -21.47
CA MET A 181 -16.82 26.91 -20.29
C MET A 181 -18.05 27.75 -20.49
N THR A 182 -19.11 27.38 -19.77
CA THR A 182 -20.35 28.14 -19.82
C THR A 182 -20.25 29.18 -18.72
N LYS A 183 -20.47 30.44 -19.12
CA LYS A 183 -20.27 31.54 -18.21
C LYS A 183 -21.35 31.60 -17.15
N GLU A 184 -20.89 31.82 -15.93
CA GLU A 184 -21.72 32.30 -14.84
C GLU A 184 -20.76 33.10 -14.01
N GLN A 185 -21.20 34.21 -13.44
CA GLN A 185 -20.26 34.97 -12.63
C GLN A 185 -19.90 34.11 -11.43
N LEU A 186 -18.60 33.99 -11.22
CA LEU A 186 -18.05 33.15 -10.18
C LEU A 186 -17.50 34.03 -9.08
N ILE A 187 -17.52 33.52 -7.86
CA ILE A 187 -17.04 34.28 -6.72
C ILE A 187 -15.53 34.33 -6.71
N THR A 188 -15.01 35.56 -6.71
CA THR A 188 -13.58 35.78 -6.59
C THR A 188 -13.37 36.54 -5.30
N ALA A 189 -12.12 36.79 -4.95
CA ALA A 189 -11.77 37.53 -3.73
C ALA A 189 -10.48 38.38 -3.90
N PRO A 190 -10.33 39.44 -3.09
CA PRO A 190 -9.17 40.31 -3.30
C PRO A 190 -7.85 39.60 -3.01
N VAL A 191 -6.77 40.20 -3.49
CA VAL A 191 -5.41 39.78 -3.19
C VAL A 191 -5.15 39.74 -1.69
N GLY A 192 -4.32 38.81 -1.26
CA GLY A 192 -3.91 38.76 0.13
C GLY A 192 -4.99 38.20 1.03
N THR A 193 -6.02 37.65 0.40
CA THR A 193 -6.97 36.81 1.13
C THR A 193 -6.18 35.64 1.73
N THR A 194 -6.53 35.25 2.94
CA THR A 194 -5.74 34.32 3.73
C THR A 194 -6.55 33.07 3.93
N LEU A 195 -5.87 31.96 4.21
CA LEU A 195 -6.52 30.67 4.36
C LEU A 195 -7.72 30.71 5.30
N SER A 196 -7.53 31.29 6.48
CA SER A 196 -8.59 31.30 7.48
C SER A 196 -9.85 32.00 6.98
N GLU A 197 -9.67 33.12 6.29
CA GLU A 197 -10.79 33.84 5.70
C GLU A 197 -11.30 33.25 4.39
N ALA A 198 -10.41 32.57 3.65
CA ALA A 198 -10.85 31.83 2.47
C ALA A 198 -11.70 30.65 2.90
N GLU A 199 -11.40 30.14 4.10
CA GLU A 199 -12.10 28.97 4.64
C GLU A 199 -13.59 29.22 4.83
N LYS A 200 -13.94 30.42 5.30
CA LYS A 200 -15.33 30.78 5.49
C LYS A 200 -16.03 31.20 4.20
N ILE A 201 -15.29 31.82 3.30
CA ILE A 201 -15.85 32.25 2.01
C ILE A 201 -16.28 31.04 1.18
N LEU A 202 -15.41 30.05 1.08
CA LEU A 202 -15.74 28.78 0.42
C LEU A 202 -16.93 28.11 1.09
N GLN A 203 -16.99 28.22 2.42
CA GLN A 203 -18.06 27.63 3.19
C GLN A 203 -19.37 28.38 2.99
N LYS A 204 -19.30 29.71 3.08
CA LYS A 204 -20.47 30.56 2.95
C LYS A 204 -21.16 30.43 1.59
N TYR A 205 -20.38 30.43 0.52
CA TYR A 205 -20.91 30.40 -0.84
C TYR A 205 -20.99 28.97 -1.43
N LYS A 206 -20.52 27.98 -0.68
CA LYS A 206 -20.51 26.58 -1.12
C LYS A 206 -19.67 26.30 -2.39
N ILE A 207 -18.43 26.80 -2.43
CA ILE A 207 -17.54 26.62 -3.59
C ILE A 207 -16.22 25.96 -3.20
N GLU A 208 -15.60 25.25 -4.15
CA GLU A 208 -14.27 24.69 -3.88
C GLU A 208 -13.07 25.52 -4.35
N LYS A 209 -13.26 26.53 -5.16
CA LYS A 209 -12.14 27.30 -5.64
C LYS A 209 -12.39 28.74 -5.43
N LEU A 210 -11.33 29.50 -5.24
CA LEU A 210 -11.46 30.91 -4.99
C LEU A 210 -10.38 31.71 -5.72
N PRO A 211 -10.63 32.04 -6.99
CA PRO A 211 -9.65 32.87 -7.71
C PRO A 211 -9.43 34.22 -7.01
N LEU A 212 -8.21 34.73 -7.11
CA LEU A 212 -7.84 36.02 -6.54
C LEU A 212 -7.47 37.00 -7.66
N VAL A 213 -8.15 38.14 -7.70
CA VAL A 213 -7.94 39.14 -8.73
C VAL A 213 -7.78 40.51 -8.10
N ASP A 214 -7.33 41.47 -8.89
CA ASP A 214 -7.26 42.86 -8.43
C ASP A 214 -8.51 43.67 -8.85
N ASN A 215 -8.48 44.98 -8.58
CA ASN A 215 -9.62 45.85 -8.89
C ASN A 215 -9.91 45.93 -10.39
N ASN A 216 -8.91 45.63 -11.20
CA ASN A 216 -9.08 45.61 -12.65
C ASN A 216 -9.46 44.21 -13.15
N GLY A 217 -9.65 43.29 -12.21
CA GLY A 217 -10.04 41.92 -12.52
C GLY A 217 -8.92 41.04 -13.04
N VAL A 218 -7.68 41.50 -12.90
CA VAL A 218 -6.53 40.74 -13.38
C VAL A 218 -6.21 39.62 -12.41
N LEU A 219 -6.15 38.38 -12.89
CA LEU A 219 -5.89 37.25 -12.02
C LEU A 219 -4.55 37.42 -11.29
N GLN A 220 -4.61 37.44 -9.96
CA GLN A 220 -3.43 37.44 -9.11
C GLN A 220 -3.00 36.11 -8.45
N GLY A 221 -3.87 35.11 -8.48
CA GLY A 221 -3.71 33.94 -7.63
C GLY A 221 -4.94 33.06 -7.49
N LEU A 222 -4.80 31.95 -6.78
CA LEU A 222 -5.89 30.96 -6.59
C LEU A 222 -5.81 30.19 -5.26
N ILE A 223 -6.96 29.97 -4.64
CA ILE A 223 -7.04 29.22 -3.38
C ILE A 223 -8.07 28.10 -3.51
N THR A 224 -7.73 26.91 -3.00
CA THR A 224 -8.58 25.73 -3.15
C THR A 224 -8.87 25.14 -1.77
N ILE A 225 -9.89 24.31 -1.64
CA ILE A 225 -10.20 23.73 -0.36
C ILE A 225 -9.19 22.71 0.05
N LYS A 226 -8.49 22.21 -0.92
CA LYS A 226 -7.36 21.35 -0.68
C LYS A 226 -6.31 22.12 0.14
N ASP A 227 -6.01 23.34 -0.28
CA ASP A 227 -5.07 24.18 0.46
C ASP A 227 -5.50 24.30 1.91
N ILE A 228 -6.82 24.48 2.12
CA ILE A 228 -7.40 24.57 3.45
C ILE A 228 -7.45 23.24 4.21
N GLU A 229 -7.93 22.19 3.56
CA GLU A 229 -8.13 20.92 4.26
C GLU A 229 -6.81 20.16 4.51
N LYS A 230 -5.75 20.52 3.78
CA LYS A 230 -4.42 19.96 4.04
C LYS A 230 -3.79 20.50 5.33
N VAL A 231 -4.13 21.73 5.70
CA VAL A 231 -3.62 22.30 6.93
C VAL A 231 -4.19 21.54 8.14
N ILE A 232 -5.42 21.07 7.99
CA ILE A 232 -6.12 20.33 9.03
C ILE A 232 -5.62 18.91 9.05
N GLU A 233 -5.34 18.37 7.88
CA GLU A 233 -4.94 16.98 7.77
C GLU A 233 -3.49 16.76 8.29
N PHE A 234 -2.62 17.71 8.01
CA PHE A 234 -1.21 17.63 8.44
C PHE A 234 -0.77 18.86 9.26
N PRO A 235 -1.19 18.91 10.53
CA PRO A 235 -1.04 20.08 11.41
C PRO A 235 0.43 20.34 11.76
N ASN A 236 1.26 19.31 11.60
CA ASN A 236 2.69 19.40 11.87
C ASN A 236 3.62 19.71 10.69
N SER A 237 3.03 20.03 9.54
CA SER A 237 3.78 20.30 8.31
C SER A 237 4.93 21.30 8.44
N ALA A 238 6.03 21.00 7.78
CA ALA A 238 7.16 21.92 7.70
C ALA A 238 7.01 22.80 6.47
N LYS A 239 6.82 24.11 6.70
CA LYS A 239 6.47 25.04 5.64
C LYS A 239 7.28 26.34 5.67
N ASP A 240 7.47 26.94 4.49
CA ASP A 240 8.10 28.25 4.40
C ASP A 240 7.15 29.37 4.86
N LYS A 241 7.63 30.61 4.77
CA LYS A 241 6.83 31.78 5.16
C LYS A 241 5.52 31.92 4.37
N GLN A 242 5.51 31.40 3.14
CA GLN A 242 4.31 31.43 2.31
C GLN A 242 3.31 30.30 2.58
N GLY A 243 3.72 29.31 3.38
CA GLY A 243 2.81 28.23 3.74
C GLY A 243 2.92 27.01 2.83
N ARG A 244 3.91 27.05 1.96
CA ARG A 244 4.22 25.94 1.05
C ARG A 244 5.19 24.97 1.70
N LEU A 245 5.05 23.69 1.41
CA LEU A 245 5.94 22.67 1.97
C LEU A 245 7.41 22.95 1.66
N LEU A 246 8.28 22.70 2.63
CA LEU A 246 9.73 22.78 2.41
C LEU A 246 10.19 21.60 1.58
N VAL A 247 11.23 21.82 0.78
CA VAL A 247 11.87 20.77 0.00
C VAL A 247 13.37 21.09 -0.17
N GLY A 248 14.24 20.07 -0.09
CA GLY A 248 15.64 20.22 -0.47
C GLY A 248 16.05 19.50 -1.75
N ALA A 249 17.29 19.69 -2.21
CA ALA A 249 17.73 19.05 -3.46
C ALA A 249 19.22 18.73 -3.47
N ALA A 250 19.59 17.56 -3.98
CA ALA A 250 21.01 17.20 -3.97
C ALA A 250 21.74 17.75 -5.21
N VAL A 251 22.96 18.21 -4.98
CA VAL A 251 23.80 18.73 -6.05
C VAL A 251 25.22 18.25 -5.81
N GLY A 252 25.87 17.72 -6.84
CA GLY A 252 27.24 17.26 -6.70
C GLY A 252 28.26 18.32 -7.06
N VAL A 253 29.54 18.00 -6.95
CA VAL A 253 30.52 18.99 -7.35
C VAL A 253 30.96 18.59 -8.73
N THR A 254 30.46 19.35 -9.70
CA THR A 254 30.59 18.97 -11.10
C THR A 254 30.68 20.27 -11.84
N ALA A 255 31.16 20.22 -13.07
CA ALA A 255 31.21 21.44 -13.87
C ALA A 255 29.81 22.07 -14.04
N ASP A 256 28.78 21.23 -14.04
CA ASP A 256 27.41 21.73 -14.20
C ASP A 256 26.64 22.09 -12.91
N ALA A 257 27.29 22.06 -11.76
CA ALA A 257 26.63 22.36 -10.48
C ALA A 257 25.81 23.65 -10.42
N MET A 258 26.36 24.76 -10.91
CA MET A 258 25.67 26.06 -10.83
C MET A 258 24.43 26.11 -11.69
N THR A 259 24.53 25.52 -12.88
CA THR A 259 23.42 25.38 -13.78
C THR A 259 22.30 24.62 -13.06
N ARG A 260 22.65 23.49 -12.44
CA ARG A 260 21.67 22.69 -11.72
C ARG A 260 21.11 23.54 -10.60
N ILE A 261 22.01 24.26 -9.92
CA ILE A 261 21.61 25.09 -8.80
C ILE A 261 20.68 26.23 -9.21
N ASP A 262 21.00 26.89 -10.32
CA ASP A 262 20.21 27.99 -10.84
C ASP A 262 18.75 27.60 -11.06
N ALA A 263 18.52 26.45 -11.68
CA ALA A 263 17.18 26.00 -12.01
C ALA A 263 16.44 25.60 -10.74
N LEU A 264 17.17 25.05 -9.78
CA LEU A 264 16.60 24.72 -8.48
C LEU A 264 16.12 25.97 -7.74
N VAL A 265 16.95 27.01 -7.72
CA VAL A 265 16.63 28.23 -6.97
C VAL A 265 15.42 28.95 -7.58
N LYS A 266 15.25 28.74 -8.88
CA LYS A 266 14.17 29.33 -9.67
C LYS A 266 12.89 28.54 -9.45
N ALA A 267 13.05 27.32 -8.99
CA ALA A 267 11.92 26.49 -8.61
C ALA A 267 11.57 26.66 -7.12
N SER A 268 12.23 27.61 -6.45
CA SER A 268 12.01 27.94 -5.04
C SER A 268 12.42 26.81 -4.11
N VAL A 269 13.51 26.13 -4.43
CA VAL A 269 14.08 25.17 -3.49
C VAL A 269 14.46 25.88 -2.19
N ASP A 270 14.21 25.26 -1.05
CA ASP A 270 14.65 25.81 0.23
C ASP A 270 16.07 25.47 0.67
N ALA A 271 16.63 24.38 0.15
CA ALA A 271 18.01 24.05 0.47
C ALA A 271 18.65 23.19 -0.61
N ILE A 272 19.95 23.36 -0.83
CA ILE A 272 20.64 22.41 -1.68
C ILE A 272 21.57 21.63 -0.78
N VAL A 273 21.78 20.37 -1.10
CA VAL A 273 22.81 19.60 -0.42
C VAL A 273 23.93 19.39 -1.38
N LEU A 274 25.06 20.05 -1.14
CA LEU A 274 26.24 19.77 -1.93
C LEU A 274 26.78 18.50 -1.34
N ASP A 275 26.80 17.47 -2.16
CA ASP A 275 26.98 16.13 -1.68
C ASP A 275 28.16 15.50 -2.36
N THR A 276 29.14 15.13 -1.55
CA THR A 276 30.38 14.56 -2.02
C THR A 276 30.78 13.50 -1.00
N ALA A 277 31.69 12.62 -1.38
CA ALA A 277 32.17 11.61 -0.45
C ALA A 277 33.22 12.16 0.51
N HIS A 278 33.94 13.19 0.08
CA HIS A 278 34.95 13.79 0.94
C HIS A 278 34.73 15.30 0.98
N GLY A 279 34.27 15.79 2.11
CA GLY A 279 33.86 17.18 2.19
C GLY A 279 35.07 18.07 2.37
N HIS A 280 36.17 17.44 2.78
CA HIS A 280 37.39 18.16 3.09
C HIS A 280 38.22 18.41 1.84
N SER A 281 37.70 18.00 0.69
CA SER A 281 38.42 18.17 -0.56
C SER A 281 38.38 19.65 -0.95
N GLN A 282 39.52 20.18 -1.39
CA GLN A 282 39.59 21.58 -1.81
C GLN A 282 38.53 21.91 -2.86
N GLY A 283 38.23 20.95 -3.73
CA GLY A 283 37.23 21.14 -4.76
C GLY A 283 35.86 21.43 -4.20
N VAL A 284 35.50 20.74 -3.13
CA VAL A 284 34.24 21.01 -2.45
C VAL A 284 34.25 22.39 -1.76
N ILE A 285 35.30 22.69 -1.01
CA ILE A 285 35.43 23.99 -0.34
C ILE A 285 35.26 25.18 -1.29
N ASP A 286 35.88 25.08 -2.46
CA ASP A 286 35.79 26.12 -3.47
C ASP A 286 34.36 26.28 -4.03
N LYS A 287 33.70 25.14 -4.27
CA LYS A 287 32.34 25.17 -4.80
C LYS A 287 31.38 25.83 -3.83
N VAL A 288 31.56 25.57 -2.54
CA VAL A 288 30.75 26.22 -1.51
C VAL A 288 30.92 27.74 -1.49
N LYS A 289 32.16 28.21 -1.55
CA LYS A 289 32.41 29.64 -1.60
C LYS A 289 31.74 30.27 -2.83
N GLU A 290 31.85 29.57 -3.95
CA GLU A 290 31.33 30.04 -5.21
C GLU A 290 29.79 30.08 -5.22
N VAL A 291 29.16 29.12 -4.56
CA VAL A 291 27.71 29.09 -4.43
C VAL A 291 27.24 30.11 -3.38
N ARG A 292 27.99 30.27 -2.30
CA ARG A 292 27.59 31.19 -1.26
C ARG A 292 27.66 32.60 -1.78
N ALA A 293 28.65 32.84 -2.63
CA ALA A 293 28.90 34.15 -3.22
C ALA A 293 27.80 34.57 -4.19
N LYS A 294 27.25 33.61 -4.94
CA LYS A 294 26.14 33.92 -5.84
C LYS A 294 24.74 33.98 -5.20
N TYR A 295 24.58 33.31 -4.06
CA TYR A 295 23.29 33.20 -3.40
C TYR A 295 23.47 33.31 -1.93
N PRO A 296 23.55 34.56 -1.42
CA PRO A 296 23.95 34.81 -0.04
C PRO A 296 22.93 34.28 0.96
N SER A 297 21.73 34.07 0.53
CA SER A 297 20.73 33.69 1.46
C SER A 297 20.25 32.28 1.31
N LEU A 298 20.77 31.61 0.33
CA LEU A 298 20.41 30.22 0.07
C LEU A 298 20.86 29.32 1.21
N ASN A 299 20.02 28.37 1.59
CA ASN A 299 20.42 27.40 2.59
C ASN A 299 21.34 26.39 1.95
N ILE A 300 22.54 26.26 2.50
CA ILE A 300 23.53 25.37 1.90
C ILE A 300 23.99 24.29 2.84
N ILE A 301 23.61 23.06 2.54
CA ILE A 301 24.06 21.92 3.32
C ILE A 301 25.21 21.19 2.61
N ALA A 302 26.32 21.01 3.30
CA ALA A 302 27.51 20.45 2.68
C ALA A 302 28.04 19.30 3.49
N GLY A 303 28.46 18.24 2.81
CA GLY A 303 29.04 17.07 3.47
C GLY A 303 29.58 16.14 2.40
N ASN A 304 30.15 15.00 2.78
CA ASN A 304 30.25 14.59 4.18
C ASN A 304 31.64 14.82 4.83
N VAL A 305 31.63 15.14 6.12
CA VAL A 305 32.84 15.30 6.90
C VAL A 305 32.72 14.49 8.19
N ALA A 306 33.82 13.86 8.57
CA ALA A 306 33.94 13.20 9.87
C ALA A 306 34.76 13.90 10.97
N THR A 307 35.30 15.09 10.68
CA THR A 307 36.22 15.75 11.64
C THR A 307 35.87 17.18 12.00
N ALA A 308 36.50 17.64 13.08
CA ALA A 308 36.39 19.05 13.48
C ALA A 308 37.00 20.00 12.45
N GLU A 309 38.16 19.64 11.92
N GLU A 309 38.18 19.69 11.91
CA GLU A 309 38.89 20.50 10.98
CA GLU A 309 38.83 20.62 10.98
C GLU A 309 38.10 20.69 9.69
C GLU A 309 38.12 20.70 9.63
N ALA A 310 37.60 19.58 9.15
CA ALA A 310 36.76 19.59 7.97
C ALA A 310 35.51 20.42 8.19
N THR A 311 34.97 20.38 9.41
CA THR A 311 33.72 21.07 9.74
C THR A 311 33.94 22.59 9.71
N LYS A 312 35.06 23.01 10.27
CA LYS A 312 35.40 24.41 10.29
C LYS A 312 35.68 24.92 8.88
N ALA A 313 36.27 24.10 8.03
CA ALA A 313 36.62 24.53 6.66
C ALA A 313 35.37 24.70 5.80
N LEU A 314 34.35 23.90 6.04
CA LEU A 314 33.14 24.05 5.25
C LEU A 314 32.37 25.29 5.68
N ILE A 315 32.37 25.55 6.99
CA ILE A 315 31.63 26.67 7.54
C ILE A 315 32.22 28.01 7.10
N GLU A 316 33.54 28.10 7.14
CA GLU A 316 34.21 29.31 6.69
C GLU A 316 34.04 29.52 5.19
N ALA A 317 33.80 28.45 4.46
CA ALA A 317 33.57 28.57 3.04
C ALA A 317 32.14 29.05 2.75
N GLY A 318 31.31 29.08 3.79
CA GLY A 318 29.91 29.47 3.65
C GLY A 318 28.79 28.44 3.79
N ALA A 319 29.10 27.19 4.11
CA ALA A 319 28.05 26.23 4.45
C ALA A 319 27.31 26.64 5.73
N ASN A 320 25.98 26.70 5.67
CA ASN A 320 25.21 27.00 6.89
C ASN A 320 24.61 25.80 7.63
N VAL A 321 24.75 24.63 7.02
CA VAL A 321 24.58 23.36 7.66
C VAL A 321 25.65 22.38 7.23
N VAL A 322 26.11 21.55 8.15
CA VAL A 322 27.14 20.57 7.85
C VAL A 322 26.63 19.15 8.03
N LYS A 323 26.88 18.28 7.06
CA LYS A 323 26.38 16.92 7.10
C LYS A 323 27.49 15.96 7.46
N VAL A 324 27.26 15.14 8.47
CA VAL A 324 28.32 14.34 9.04
C VAL A 324 28.19 12.83 8.86
N GLY A 325 29.25 12.23 8.36
CA GLY A 325 29.39 10.79 8.38
C GLY A 325 30.13 10.20 7.21
N ILE A 326 31.22 9.51 7.47
CA ILE A 326 31.94 8.85 6.42
C ILE A 326 31.99 7.36 6.65
N GLY A 327 31.36 6.62 5.74
CA GLY A 327 31.22 5.20 5.87
C GLY A 327 30.12 4.54 6.70
N PRO A 328 29.46 5.26 7.62
CA PRO A 328 28.61 4.46 8.52
C PRO A 328 27.37 3.80 7.87
N GLY A 329 26.96 4.28 6.69
CA GLY A 329 25.74 3.81 6.04
C GLY A 329 25.58 2.29 5.87
N SER A 330 24.34 1.85 6.06
CA SER A 330 24.01 0.43 5.98
C SER A 330 24.48 -0.18 4.68
N ILE A 331 24.42 0.60 3.63
CA ILE A 331 24.85 0.13 2.31
C ILE A 331 26.29 0.54 1.87
N CYS A 332 27.00 1.33 2.67
CA CYS A 332 28.33 1.77 2.24
C CYS A 332 29.49 0.83 2.60
N THR A 333 30.34 0.64 1.60
CA THR A 333 31.62 -0.04 1.77
C THR A 333 32.89 0.83 1.89
N THR A 334 32.73 2.16 1.98
CA THR A 334 33.87 3.09 1.99
C THR A 334 34.98 2.66 2.97
N ARG A 335 34.57 2.31 4.18
CA ARG A 335 35.51 1.89 5.21
C ARG A 335 36.22 0.57 4.86
N VAL A 336 35.51 -0.33 4.18
CA VAL A 336 36.04 -1.63 3.84
C VAL A 336 37.00 -1.56 2.67
N VAL A 337 36.57 -0.89 1.61
CA VAL A 337 37.36 -0.81 0.37
C VAL A 337 38.46 0.25 0.39
N ALA A 338 38.16 1.42 0.94
CA ALA A 338 39.21 2.43 1.09
C ALA A 338 39.89 2.44 2.46
N GLY A 339 39.30 1.74 3.42
CA GLY A 339 39.89 1.66 4.74
C GLY A 339 39.65 2.90 5.54
N VAL A 340 38.77 3.77 5.06
CA VAL A 340 38.64 5.15 5.57
C VAL A 340 37.35 5.35 6.39
N GLY A 341 37.42 6.12 7.47
CA GLY A 341 36.21 6.47 8.22
C GLY A 341 36.41 6.90 9.67
N VAL A 342 35.32 7.35 10.28
CA VAL A 342 35.29 7.58 11.73
C VAL A 342 33.98 7.02 12.29
N PRO A 343 34.04 6.34 13.44
CA PRO A 343 32.80 5.81 14.03
C PRO A 343 31.80 6.94 14.29
N GLN A 344 30.56 6.75 13.87
CA GLN A 344 29.60 7.84 13.67
C GLN A 344 29.30 8.69 14.89
N LEU A 345 29.30 8.11 16.08
CA LEU A 345 28.96 8.88 17.26
C LEU A 345 30.09 9.86 17.63
N THR A 346 31.31 9.36 17.60
CA THR A 346 32.48 10.20 17.68
C THR A 346 32.51 11.25 16.57
N ALA A 347 32.10 10.88 15.36
CA ALA A 347 32.11 11.81 14.24
C ALA A 347 31.18 12.97 14.52
N VAL A 348 29.94 12.64 14.89
CA VAL A 348 28.93 13.64 15.23
C VAL A 348 29.41 14.55 16.35
N TYR A 349 29.91 13.95 17.41
CA TYR A 349 30.41 14.70 18.55
C TYR A 349 31.60 15.57 18.17
N ASP A 350 32.55 15.04 17.41
CA ASP A 350 33.72 15.82 17.00
C ASP A 350 33.31 17.01 16.13
N CYS A 351 32.44 16.76 15.17
CA CYS A 351 31.94 17.82 14.30
C CYS A 351 31.01 18.80 15.04
N ALA A 352 30.13 18.29 15.92
CA ALA A 352 29.25 19.17 16.71
C ALA A 352 30.04 20.08 17.67
N THR A 353 31.11 19.56 18.25
CA THR A 353 32.00 20.40 19.06
C THR A 353 32.48 21.64 18.29
N GLU A 354 32.95 21.44 17.07
CA GLU A 354 33.36 22.58 16.24
C GLU A 354 32.21 23.51 15.80
N ALA A 355 31.13 22.95 15.26
CA ALA A 355 30.04 23.77 14.74
C ALA A 355 29.32 24.58 15.81
N ARG A 356 29.19 24.02 17.01
CA ARG A 356 28.66 24.77 18.16
C ARG A 356 29.38 26.10 18.37
N LYS A 357 30.70 26.12 18.20
CA LYS A 357 31.45 27.36 18.29
C LYS A 357 30.97 28.44 17.32
N HIS A 358 30.42 28.02 16.18
CA HIS A 358 29.86 28.92 15.18
C HIS A 358 28.33 29.09 15.18
N GLY A 359 27.63 28.42 16.08
CA GLY A 359 26.17 28.39 16.03
C GLY A 359 25.59 27.73 14.77
N ILE A 360 26.30 26.70 14.29
CA ILE A 360 25.95 25.97 13.07
C ILE A 360 25.41 24.56 13.40
N PRO A 361 24.23 24.20 12.89
CA PRO A 361 23.71 22.84 13.14
C PRO A 361 24.37 21.75 12.29
N VAL A 362 24.45 20.53 12.82
CA VAL A 362 24.92 19.41 12.02
C VAL A 362 23.82 18.36 11.82
N ILE A 363 23.91 17.69 10.68
CA ILE A 363 23.10 16.52 10.36
C ILE A 363 23.88 15.20 10.51
N ALA A 364 23.31 14.25 11.25
CA ALA A 364 23.91 12.93 11.32
C ALA A 364 23.35 12.07 10.18
N ASP A 365 24.23 11.73 9.25
CA ASP A 365 23.83 11.01 8.05
C ASP A 365 24.47 9.62 8.01
N GLY A 366 23.63 8.59 8.14
CA GLY A 366 24.06 7.21 8.05
C GLY A 366 24.17 6.45 9.36
N GLY A 367 23.95 5.14 9.28
CA GLY A 367 24.17 4.26 10.41
C GLY A 367 23.03 4.02 11.40
N ILE A 368 21.88 4.65 11.21
CA ILE A 368 20.82 4.53 12.19
C ILE A 368 19.87 3.38 11.83
N LYS A 369 19.97 2.32 12.62
CA LYS A 369 19.08 1.14 12.56
C LYS A 369 17.78 1.24 13.34
N TYR A 370 17.85 1.81 14.55
CA TYR A 370 16.67 1.89 15.41
C TYR A 370 16.46 3.31 15.90
N SER A 371 15.24 3.58 16.36
CA SER A 371 14.91 4.89 16.90
C SER A 371 15.85 5.31 18.01
N GLY A 372 16.31 4.36 18.81
CA GLY A 372 17.27 4.69 19.86
C GLY A 372 18.53 5.33 19.30
N ASP A 373 19.04 4.78 18.20
CA ASP A 373 20.21 5.35 17.54
C ASP A 373 20.02 6.83 17.24
N MET A 374 18.85 7.17 16.71
CA MET A 374 18.50 8.55 16.45
C MET A 374 18.69 9.44 17.69
N VAL A 375 18.16 8.98 18.82
CA VAL A 375 18.23 9.72 20.08
C VAL A 375 19.70 9.96 20.40
N LYS A 376 20.50 8.91 20.30
CA LYS A 376 21.91 9.01 20.61
C LYS A 376 22.66 10.02 19.73
N ALA A 377 22.35 10.05 18.44
CA ALA A 377 23.01 11.00 17.55
C ALA A 377 22.66 12.44 17.92
N LEU A 378 21.40 12.67 18.28
CA LEU A 378 20.93 13.99 18.70
C LEU A 378 21.55 14.39 20.05
N ALA A 379 21.68 13.44 20.97
CA ALA A 379 22.31 13.73 22.27
C ALA A 379 23.81 13.94 22.13
N ALA A 380 24.39 13.43 21.04
CA ALA A 380 25.80 13.63 20.74
C ALA A 380 26.08 14.97 20.08
N GLY A 381 25.01 15.76 19.88
CA GLY A 381 25.11 17.06 19.26
C GLY A 381 24.53 17.32 17.89
N ALA A 382 24.04 16.32 17.20
CA ALA A 382 23.40 16.62 15.93
C ALA A 382 22.05 17.33 16.15
N HIS A 383 21.75 18.30 15.30
CA HIS A 383 20.42 18.94 15.29
C HIS A 383 19.39 18.03 14.66
N VAL A 384 19.79 17.30 13.61
CA VAL A 384 18.86 16.48 12.81
C VAL A 384 19.54 15.19 12.32
N VAL A 385 18.77 14.13 12.10
CA VAL A 385 19.28 12.92 11.46
C VAL A 385 18.68 12.69 10.06
N MET A 386 19.51 12.09 9.21
CA MET A 386 19.16 11.78 7.85
C MET A 386 19.16 10.27 7.67
N LEU A 387 18.05 9.72 7.19
CA LEU A 387 17.86 8.28 7.14
C LEU A 387 17.75 7.79 5.71
N GLY A 388 18.60 6.87 5.27
CA GLY A 388 18.30 6.06 4.09
C GLY A 388 17.49 4.78 4.18
N SER A 389 17.97 3.85 5.02
CA SER A 389 17.46 2.48 4.95
C SER A 389 16.13 2.38 5.67
N MET A 390 15.92 3.22 6.68
CA MET A 390 14.67 3.14 7.42
C MET A 390 13.50 3.68 6.60
N PHE A 391 13.81 4.52 5.62
CA PHE A 391 12.80 5.04 4.70
C PHE A 391 12.65 4.38 3.33
N ALA A 392 13.50 3.42 2.98
CA ALA A 392 13.42 2.92 1.60
C ALA A 392 12.25 1.96 1.30
N GLY A 393 11.81 1.16 2.28
CA GLY A 393 10.68 0.27 2.05
C GLY A 393 9.32 0.94 2.18
N VAL A 394 9.35 2.24 2.44
CA VAL A 394 8.16 3.03 2.65
C VAL A 394 7.42 3.24 1.34
N ALA A 395 6.11 3.42 1.40
CA ALA A 395 5.28 3.49 0.19
C ALA A 395 5.59 4.66 -0.74
N GLU A 396 6.03 5.78 -0.19
CA GLU A 396 6.23 6.97 -1.02
C GLU A 396 7.59 6.97 -1.70
N SER A 397 8.43 5.99 -1.40
CA SER A 397 9.77 5.99 -1.92
C SER A 397 9.72 5.56 -3.40
N PRO A 398 10.65 6.06 -4.24
CA PRO A 398 10.57 5.99 -5.71
C PRO A 398 10.40 4.60 -6.32
N GLY A 399 11.19 3.63 -5.90
CA GLY A 399 11.11 2.30 -6.48
C GLY A 399 9.77 1.62 -6.24
N GLU A 400 9.45 0.60 -7.01
CA GLU A 400 8.26 -0.21 -6.70
C GLU A 400 8.63 -1.55 -6.05
N THR A 401 7.62 -2.34 -5.68
CA THR A 401 7.83 -3.47 -4.77
C THR A 401 8.16 -4.81 -5.46
N GLU A 402 9.19 -5.49 -4.94
CA GLU A 402 9.70 -6.75 -5.50
C GLU A 402 9.36 -7.93 -4.59
N ILE A 403 9.26 -9.10 -5.26
CA ILE A 403 8.86 -10.31 -4.54
C ILE A 403 9.99 -11.23 -4.19
N TYR A 404 10.17 -11.50 -2.92
CA TYR A 404 11.12 -12.53 -2.53
C TYR A 404 10.54 -13.36 -1.40
N GLN A 405 10.38 -14.66 -1.65
CA GLN A 405 9.74 -15.60 -0.73
C GLN A 405 8.30 -15.20 -0.34
N GLY A 406 7.54 -14.63 -1.27
CA GLY A 406 6.16 -14.28 -1.01
C GLY A 406 5.93 -12.93 -0.33
N ARG A 407 7.01 -12.34 0.18
CA ARG A 407 6.92 -11.04 0.83
C ARG A 407 7.41 -9.90 -0.02
N GLN A 408 6.81 -8.73 0.16
CA GLN A 408 7.19 -7.57 -0.65
C GLN A 408 8.45 -6.83 -0.22
N PHE A 409 9.31 -6.55 -1.19
CA PHE A 409 10.58 -5.86 -0.96
C PHE A 409 10.72 -4.61 -1.81
N LYS A 410 11.65 -3.74 -1.42
CA LYS A 410 11.96 -2.55 -2.19
C LYS A 410 13.48 -2.52 -2.36
N VAL A 411 13.98 -2.22 -3.55
CA VAL A 411 15.43 -2.16 -3.75
C VAL A 411 16.04 -0.95 -3.03
N TYR A 412 17.21 -1.13 -2.42
CA TYR A 412 17.91 -0.01 -1.82
C TYR A 412 19.40 -0.07 -2.13
N ARG A 413 19.92 0.94 -2.82
CA ARG A 413 21.33 0.90 -3.17
C ARG A 413 22.13 2.08 -2.63
N GLY A 414 23.41 1.81 -2.38
CA GLY A 414 24.32 2.83 -1.89
C GLY A 414 24.63 3.73 -3.06
N MET A 415 24.79 5.02 -2.77
CA MET A 415 25.21 5.95 -3.81
C MET A 415 26.56 5.53 -4.36
N GLY A 416 27.28 4.70 -3.60
CA GLY A 416 28.57 4.18 -4.01
C GLY A 416 28.51 2.95 -4.88
N SER A 417 27.35 2.29 -4.89
CA SER A 417 27.18 1.06 -5.66
C SER A 417 27.36 1.32 -7.15
N VAL A 418 27.78 0.30 -7.89
CA VAL A 418 27.98 0.42 -9.34
C VAL A 418 26.71 0.91 -10.01
N GLY A 419 25.58 0.31 -9.62
CA GLY A 419 24.29 0.67 -10.16
C GLY A 419 23.97 2.15 -10.03
N ALA A 420 24.10 2.68 -8.82
CA ALA A 420 23.85 4.10 -8.59
C ALA A 420 24.83 4.98 -9.35
N MET A 421 26.10 4.60 -9.37
CA MET A 421 27.11 5.41 -10.06
C MET A 421 26.86 5.50 -11.58
N GLU A 422 26.35 4.45 -12.19
CA GLU A 422 26.03 4.48 -13.61
C GLU A 422 24.88 5.44 -13.91
N LYS A 423 24.07 5.69 -12.91
CA LYS A 423 22.96 6.57 -13.14
C LYS A 423 23.26 7.97 -12.69
N GLY A 424 24.52 8.27 -12.51
CA GLY A 424 24.99 9.61 -12.23
C GLY A 424 25.49 10.01 -10.85
N SER A 425 25.77 9.04 -10.00
CA SER A 425 26.45 9.37 -8.74
C SER A 425 28.00 9.33 -8.80
N LYS A 426 28.56 9.11 -9.99
CA LYS A 426 30.02 9.01 -10.19
C LYS A 426 30.87 10.14 -9.62
N ASP A 427 30.43 11.38 -9.81
CA ASP A 427 31.16 12.56 -9.34
C ASP A 427 31.34 12.52 -7.81
N ARG A 428 30.40 11.90 -7.11
CA ARG A 428 30.44 11.81 -5.66
C ARG A 428 31.69 11.05 -5.21
N TYR A 429 32.04 10.02 -5.98
CA TYR A 429 33.24 9.23 -5.74
C TYR A 429 34.52 9.60 -6.52
N PHE A 430 34.47 10.72 -7.23
CA PHE A 430 35.60 11.29 -7.98
C PHE A 430 35.98 10.37 -9.11
N GLN A 431 35.00 9.60 -9.55
CA GLN A 431 35.08 8.65 -10.67
C GLN A 431 34.53 9.18 -12.01
N GLU A 432 34.26 10.45 -12.05
CA GLU A 432 33.41 11.12 -13.01
C GLU A 432 33.51 10.76 -14.50
N GLY A 433 34.70 10.45 -14.98
CA GLY A 433 34.88 10.05 -16.36
C GLY A 433 35.09 8.56 -16.61
N ASN A 434 35.35 7.83 -15.52
CA ASN A 434 35.92 6.47 -15.59
C ASN A 434 35.11 5.39 -16.33
N LYS A 435 35.78 4.69 -17.25
CA LYS A 435 35.18 3.54 -17.93
C LYS A 435 34.95 2.38 -16.96
N LYS A 436 35.93 2.11 -16.08
CA LYS A 436 35.79 1.02 -15.11
C LYS A 436 35.68 1.51 -13.67
N LEU A 437 34.52 1.27 -13.06
CA LEU A 437 34.19 1.74 -11.71
C LEU A 437 34.81 0.94 -10.56
N VAL A 438 35.05 1.64 -9.47
CA VAL A 438 35.48 1.05 -8.21
C VAL A 438 34.53 1.53 -7.12
N PRO A 439 33.48 0.75 -6.86
CA PRO A 439 32.35 1.13 -6.00
C PRO A 439 32.68 1.23 -4.51
N GLU A 440 32.10 2.22 -3.87
CA GLU A 440 32.07 2.35 -2.41
C GLU A 440 30.80 1.87 -1.72
N GLY A 441 29.92 1.25 -2.48
CA GLY A 441 28.63 0.85 -1.98
C GLY A 441 28.12 -0.42 -2.62
N ILE A 442 26.96 -0.85 -2.17
CA ILE A 442 26.46 -2.16 -2.51
C ILE A 442 24.95 -2.12 -2.82
N GLU A 443 24.40 -3.17 -3.40
CA GLU A 443 22.96 -3.15 -3.67
C GLU A 443 22.21 -4.21 -2.85
N GLY A 444 21.04 -3.85 -2.39
CA GLY A 444 20.28 -4.71 -1.49
C GLY A 444 18.81 -4.41 -1.54
N ARG A 445 18.06 -5.02 -0.62
CA ARG A 445 16.62 -4.83 -0.58
C ARG A 445 16.09 -4.76 0.84
N VAL A 446 15.01 -4.01 1.02
CA VAL A 446 14.39 -3.80 2.32
C VAL A 446 12.90 -4.13 2.25
N PRO A 447 12.31 -4.59 3.36
CA PRO A 447 10.89 -4.99 3.33
C PRO A 447 9.97 -3.79 3.12
N TYR A 448 8.84 -3.99 2.43
CA TYR A 448 7.85 -2.94 2.22
C TYR A 448 7.24 -2.55 3.58
N LYS A 449 7.33 -1.26 3.91
CA LYS A 449 6.94 -0.78 5.24
C LYS A 449 5.57 -0.10 5.37
N GLY A 450 4.84 0.02 4.27
CA GLY A 450 3.59 0.77 4.33
C GLY A 450 3.82 2.26 4.26
N PRO A 451 2.80 3.05 4.59
CA PRO A 451 2.90 4.50 4.50
C PRO A 451 3.94 5.07 5.42
N LEU A 452 4.63 6.11 4.94
CA LEU A 452 5.71 6.75 5.69
C LEU A 452 5.31 7.18 7.09
N ALA A 453 4.08 7.70 7.23
CA ALA A 453 3.61 8.27 8.48
C ALA A 453 3.76 7.35 9.68
N ASP A 454 3.58 6.05 9.46
CA ASP A 454 3.63 5.07 10.54
C ASP A 454 5.06 4.88 11.02
N THR A 455 6.02 5.07 10.10
CA THR A 455 7.42 4.85 10.41
C THR A 455 7.93 6.04 11.20
N VAL A 456 7.47 7.21 10.80
CA VAL A 456 7.77 8.44 11.52
C VAL A 456 7.14 8.45 12.90
N HIS A 457 5.93 7.91 13.02
CA HIS A 457 5.27 7.89 14.31
C HIS A 457 6.13 7.12 15.34
N GLN A 458 6.60 5.95 14.95
CA GLN A 458 7.49 5.19 15.82
C GLN A 458 8.83 5.89 16.07
N LEU A 459 9.37 6.55 15.05
CA LEU A 459 10.64 7.23 15.20
C LEU A 459 10.51 8.36 16.21
N VAL A 460 9.48 9.17 16.02
CA VAL A 460 9.24 10.29 16.91
C VAL A 460 8.85 9.82 18.32
N GLY A 461 8.11 8.71 18.39
CA GLY A 461 7.76 8.10 19.66
C GLY A 461 8.96 7.66 20.48
N GLY A 462 9.97 7.11 19.82
CA GLY A 462 11.16 6.66 20.52
C GLY A 462 11.97 7.84 21.00
N LEU A 463 11.93 8.91 20.22
CA LEU A 463 12.62 10.13 20.58
C LEU A 463 11.95 10.74 21.78
N ARG A 464 10.63 10.84 21.77
CA ARG A 464 9.92 11.39 22.90
C ARG A 464 10.16 10.61 24.21
N ALA A 465 10.29 9.28 24.13
CA ALA A 465 10.56 8.49 25.33
C ALA A 465 11.94 8.77 25.89
N GLY A 466 12.94 8.78 25.02
CA GLY A 466 14.30 9.03 25.42
C GLY A 466 14.49 10.41 26.01
N MET A 467 13.84 11.41 25.43
CA MET A 467 13.91 12.76 25.96
C MET A 467 13.22 12.80 27.31
N GLY A 468 12.21 11.95 27.48
CA GLY A 468 11.55 11.79 28.76
C GLY A 468 12.50 11.30 29.83
N TYR A 469 13.27 10.27 29.48
CA TYR A 469 14.25 9.67 30.37
C TYR A 469 15.39 10.64 30.71
N CYS A 470 15.80 11.44 29.74
CA CYS A 470 16.96 12.30 29.93
C CYS A 470 16.57 13.67 30.53
N GLY A 471 15.26 13.85 30.74
CA GLY A 471 14.76 15.07 31.34
C GLY A 471 14.81 16.29 30.45
N ALA A 472 14.76 16.08 29.13
CA ALA A 472 14.92 17.14 28.15
C ALA A 472 13.59 17.58 27.57
N GLN A 473 13.19 18.81 27.87
CA GLN A 473 11.93 19.36 27.35
C GLN A 473 12.04 19.73 25.88
N ASP A 474 13.26 19.97 25.42
CA ASP A 474 13.51 20.14 23.99
C ASP A 474 14.87 19.65 23.53
N LEU A 475 15.12 19.68 22.22
CA LEU A 475 16.31 19.09 21.64
C LEU A 475 17.60 19.80 22.06
N GLU A 476 17.51 21.11 22.27
CA GLU A 476 18.67 21.86 22.73
C GLU A 476 19.16 21.35 24.07
N PHE A 477 18.24 21.18 25.00
CA PHE A 477 18.59 20.69 26.31
C PHE A 477 19.24 19.34 26.17
N LEU A 478 18.72 18.54 25.25
CA LEU A 478 19.24 17.22 25.07
C LEU A 478 20.70 17.20 24.59
N ARG A 479 21.05 18.10 23.67
CA ARG A 479 22.41 18.16 23.14
C ARG A 479 23.39 18.69 24.19
N GLU A 480 22.95 19.67 24.97
CA GLU A 480 23.80 20.35 25.92
C GLU A 480 24.00 19.60 27.23
N ASN A 481 23.09 18.68 27.51
CA ASN A 481 22.95 18.07 28.81
C ASN A 481 23.22 16.57 28.86
N ALA A 482 22.51 15.79 28.05
CA ALA A 482 22.53 14.34 28.12
C ALA A 482 23.96 13.71 28.19
N GLN A 483 24.10 12.68 29.02
CA GLN A 483 25.37 12.02 29.26
C GLN A 483 25.27 10.59 28.79
N PHE A 484 26.34 10.05 28.20
CA PHE A 484 26.27 8.65 27.79
C PHE A 484 27.05 7.81 28.78
N ILE A 485 27.00 6.49 28.61
CA ILE A 485 27.85 5.59 29.37
C ILE A 485 28.26 4.51 28.40
N ARG A 486 29.55 4.21 28.35
CA ARG A 486 30.03 3.20 27.45
C ARG A 486 29.85 1.78 28.00
N MET A 487 29.62 0.81 27.12
CA MET A 487 29.43 -0.59 27.51
C MET A 487 30.24 -1.51 26.59
N SER A 488 30.34 -2.78 26.97
CA SER A 488 31.04 -3.76 26.14
C SER A 488 30.06 -4.41 25.16
N GLY A 489 30.56 -5.34 24.34
CA GLY A 489 29.70 -6.21 23.56
C GLY A 489 28.66 -6.95 24.42
N ALA A 490 29.07 -7.43 25.60
CA ALA A 490 28.14 -8.05 26.54
C ALA A 490 27.08 -7.05 27.00
N GLY A 491 27.47 -5.78 27.10
CA GLY A 491 26.50 -4.75 27.45
C GLY A 491 25.49 -4.62 26.32
N LEU A 492 25.90 -4.88 25.09
CA LEU A 492 24.98 -4.73 23.96
C LEU A 492 23.96 -5.87 23.93
N LEU A 493 24.43 -7.09 24.19
CA LEU A 493 23.54 -8.24 24.23
C LEU A 493 22.49 -8.15 25.35
N GLU A 494 22.82 -7.43 26.42
CA GLU A 494 21.88 -7.21 27.50
C GLU A 494 20.81 -6.22 27.07
N SER A 495 21.24 -5.22 26.32
CA SER A 495 20.37 -4.13 25.92
C SER A 495 19.27 -4.58 24.97
N HIS A 496 19.64 -5.41 24.01
CA HIS A 496 18.66 -6.05 23.15
C HIS A 496 17.82 -7.02 23.98
N PRO A 497 16.78 -7.57 23.41
CA PRO A 497 16.10 -8.69 24.05
C PRO A 497 17.03 -9.87 23.98
N HIS A 498 17.08 -10.69 25.02
CA HIS A 498 17.99 -11.82 25.02
C HIS A 498 17.37 -13.08 25.56
N HIS A 499 17.75 -14.20 24.95
CA HIS A 499 17.59 -15.54 25.48
C HIS A 499 16.15 -15.98 25.70
N VAL A 500 15.23 -15.38 24.98
CA VAL A 500 13.85 -15.81 24.97
C VAL A 500 13.45 -15.84 23.52
N GLN A 501 12.65 -16.82 23.15
CA GLN A 501 12.18 -16.95 21.77
C GLN A 501 11.07 -15.94 21.43
N ILE A 502 11.26 -15.15 20.39
CA ILE A 502 10.30 -14.08 20.09
C ILE A 502 9.17 -14.55 19.20
N THR A 503 7.96 -14.55 19.74
CA THR A 503 6.77 -14.93 18.96
C THR A 503 6.24 -13.79 18.09
N LYS A 504 6.21 -12.59 18.64
CA LYS A 504 5.80 -11.41 17.86
C LYS A 504 6.64 -10.16 18.16
N GLU A 505 7.09 -9.50 17.10
CA GLU A 505 7.91 -8.30 17.24
C GLU A 505 7.08 -7.02 17.24
N ALA A 506 7.76 -5.87 17.16
CA ALA A 506 7.09 -4.59 17.14
C ALA A 506 7.62 -3.71 15.98
N PRO A 507 6.89 -2.64 15.61
CA PRO A 507 7.34 -1.67 14.60
C PRO A 507 8.60 -0.88 14.95
N ASN A 508 8.84 -0.70 16.23
CA ASN A 508 10.06 -0.06 16.72
C ASN A 508 11.24 -1.02 16.69
N TYR A 509 10.99 -2.31 16.87
CA TYR A 509 12.07 -3.30 17.00
C TYR A 509 11.99 -4.52 16.06
N SER A 510 12.95 -4.58 15.13
CA SER A 510 13.03 -5.63 14.10
C SER A 510 11.70 -5.96 13.41
N GLU B 16 -28.94 -70.00 0.98
CA GLU B 16 -29.15 -68.76 1.72
C GLU B 16 -28.00 -67.80 1.53
N ASN B 17 -26.89 -68.07 2.20
CA ASN B 17 -25.75 -67.19 2.17
C ASN B 17 -25.08 -67.13 0.82
N LEU B 18 -25.52 -67.95 -0.10
CA LEU B 18 -24.96 -67.92 -1.44
C LEU B 18 -25.92 -67.26 -2.39
N TYR B 19 -27.08 -66.94 -1.88
CA TYR B 19 -28.02 -66.13 -2.65
C TYR B 19 -27.61 -64.69 -2.48
N PHE B 20 -26.81 -64.44 -1.46
CA PHE B 20 -26.35 -63.10 -1.20
C PHE B 20 -24.83 -63.11 -1.27
N GLN B 21 -24.24 -61.93 -1.39
CA GLN B 21 -22.80 -61.82 -1.41
C GLN B 21 -22.30 -61.55 0.01
N SER B 22 -21.12 -62.06 0.33
CA SER B 22 -20.52 -61.78 1.62
C SER B 22 -19.18 -61.04 1.52
N ASN B 23 -18.87 -60.25 2.55
CA ASN B 23 -17.60 -59.51 2.63
C ASN B 23 -17.38 -58.51 1.50
N ALA B 24 -18.48 -57.96 1.01
CA ALA B 24 -18.40 -56.94 -0.01
C ALA B 24 -17.61 -55.74 0.51
N MET B 25 -18.04 -55.17 1.62
CA MET B 25 -17.41 -53.95 2.11
C MET B 25 -16.05 -54.18 2.77
N TRP B 26 -15.76 -55.42 3.14
CA TRP B 26 -14.44 -55.76 3.64
C TRP B 26 -13.42 -55.76 2.50
N GLU B 27 -13.82 -56.26 1.33
CA GLU B 27 -12.86 -56.46 0.26
C GLU B 27 -12.59 -55.23 -0.63
N SER B 28 -13.47 -54.24 -0.57
CA SER B 28 -13.28 -53.02 -1.35
C SER B 28 -12.59 -51.86 -0.63
N LYS B 29 -12.11 -52.09 0.58
CA LYS B 29 -11.52 -51.04 1.42
C LYS B 29 -10.44 -50.21 0.73
N PHE B 30 -9.50 -50.88 0.08
CA PHE B 30 -8.38 -50.17 -0.53
C PHE B 30 -8.49 -49.92 -2.03
N VAL B 31 -9.63 -50.28 -2.60
CA VAL B 31 -9.83 -50.20 -4.03
C VAL B 31 -9.68 -48.79 -4.58
N LYS B 32 -10.24 -47.80 -3.92
CA LYS B 32 -10.28 -46.48 -4.48
C LYS B 32 -8.97 -45.77 -4.49
N GLU B 33 -8.80 -44.90 -5.44
CA GLU B 33 -7.56 -44.20 -5.68
C GLU B 33 -7.84 -42.74 -6.01
N GLY B 34 -7.03 -41.83 -5.51
CA GLY B 34 -7.31 -40.42 -5.73
C GLY B 34 -6.11 -39.51 -5.96
N LEU B 35 -6.38 -38.42 -6.64
CA LEU B 35 -5.35 -37.54 -7.15
C LEU B 35 -5.54 -36.16 -6.61
N THR B 36 -4.45 -35.43 -6.47
CA THR B 36 -4.55 -34.06 -6.02
C THR B 36 -3.90 -33.19 -7.09
N PHE B 37 -3.91 -31.88 -6.91
CA PHE B 37 -3.43 -30.95 -7.94
C PHE B 37 -2.05 -31.29 -8.51
N ASP B 38 -1.17 -31.76 -7.63
CA ASP B 38 0.22 -31.89 -7.97
C ASP B 38 0.58 -33.24 -8.60
N ASP B 39 -0.40 -34.13 -8.69
CA ASP B 39 -0.26 -35.43 -9.38
C ASP B 39 -0.47 -35.28 -10.89
N VAL B 40 -0.75 -34.07 -11.33
CA VAL B 40 -1.47 -33.88 -12.57
C VAL B 40 -1.05 -32.60 -13.32
N LEU B 41 -1.17 -32.63 -14.65
CA LEU B 41 -1.01 -31.44 -15.49
C LEU B 41 -2.08 -31.42 -16.56
N LEU B 42 -2.52 -30.24 -16.98
CA LEU B 42 -3.44 -30.11 -18.13
C LEU B 42 -2.73 -30.22 -19.48
N VAL B 43 -3.28 -31.05 -20.38
CA VAL B 43 -2.69 -31.26 -21.70
C VAL B 43 -3.09 -30.16 -22.67
N PRO B 44 -2.11 -29.50 -23.32
CA PRO B 44 -2.39 -28.48 -24.33
C PRO B 44 -3.15 -29.02 -25.52
N ALA B 45 -3.96 -28.16 -26.11
CA ALA B 45 -4.88 -28.54 -27.19
C ALA B 45 -4.90 -27.46 -28.26
N LYS B 46 -5.51 -27.79 -29.40
CA LYS B 46 -5.67 -26.83 -30.47
C LYS B 46 -6.41 -25.60 -29.96
N SER B 47 -5.78 -24.45 -30.11
CA SER B 47 -6.33 -23.20 -29.61
C SER B 47 -6.46 -22.23 -30.76
N ASP B 48 -7.69 -21.83 -31.08
CA ASP B 48 -7.83 -20.67 -31.95
C ASP B 48 -8.20 -19.42 -31.14
N VAL B 49 -8.29 -19.56 -29.83
CA VAL B 49 -8.71 -18.45 -28.98
C VAL B 49 -7.54 -17.91 -28.11
N LEU B 50 -7.38 -16.60 -28.09
CA LEU B 50 -6.29 -15.98 -27.35
C LEU B 50 -6.73 -15.67 -25.92
N PRO B 51 -5.78 -15.66 -24.97
CA PRO B 51 -6.08 -15.45 -23.54
C PRO B 51 -6.90 -14.19 -23.26
N ARG B 52 -6.77 -13.16 -24.06
CA ARG B 52 -7.50 -11.94 -23.82
C ARG B 52 -8.91 -12.01 -24.27
N GLU B 53 -9.19 -12.88 -25.20
CA GLU B 53 -10.53 -12.99 -25.77
C GLU B 53 -11.47 -13.95 -25.02
N VAL B 54 -10.94 -14.80 -24.15
CA VAL B 54 -11.76 -15.83 -23.51
C VAL B 54 -12.65 -15.24 -22.42
N SER B 55 -13.74 -15.94 -22.11
CA SER B 55 -14.65 -15.51 -21.07
C SER B 55 -14.34 -16.26 -19.79
N VAL B 56 -14.13 -15.53 -18.71
CA VAL B 56 -14.04 -16.10 -17.36
C VAL B 56 -15.34 -15.97 -16.53
N LYS B 57 -16.41 -15.53 -17.16
CA LYS B 57 -17.69 -15.37 -16.46
C LYS B 57 -18.30 -16.71 -16.11
N THR B 58 -18.94 -16.80 -14.95
CA THR B 58 -19.58 -18.05 -14.55
C THR B 58 -20.87 -17.84 -13.75
N VAL B 59 -21.89 -18.61 -14.08
CA VAL B 59 -23.18 -18.46 -13.42
C VAL B 59 -23.44 -19.53 -12.36
N LEU B 60 -23.53 -19.10 -11.10
CA LEU B 60 -23.89 -20.01 -10.02
C LEU B 60 -25.39 -20.24 -9.92
N SER B 61 -26.18 -19.29 -10.41
CA SER B 61 -27.64 -19.39 -10.40
C SER B 61 -28.21 -18.17 -11.09
N GLU B 62 -29.49 -18.22 -11.44
CA GLU B 62 -30.10 -17.14 -12.18
C GLU B 62 -29.91 -15.80 -11.49
N SER B 63 -29.99 -15.79 -10.17
CA SER B 63 -29.82 -14.55 -9.42
C SER B 63 -28.41 -14.36 -8.87
N LEU B 64 -27.49 -15.30 -9.16
CA LEU B 64 -26.12 -15.10 -8.76
C LEU B 64 -25.16 -15.32 -9.93
N GLN B 65 -24.60 -14.24 -10.47
CA GLN B 65 -23.78 -14.36 -11.68
C GLN B 65 -22.46 -13.61 -11.51
N LEU B 66 -21.36 -14.35 -11.71
CA LEU B 66 -20.02 -13.84 -11.46
C LEU B 66 -19.27 -13.57 -12.77
N ASN B 67 -18.41 -12.56 -12.76
CA ASN B 67 -17.60 -12.27 -13.93
C ASN B 67 -16.18 -12.83 -13.83
N ILE B 68 -15.86 -13.32 -12.64
CA ILE B 68 -14.65 -14.11 -12.43
C ILE B 68 -14.97 -15.27 -11.47
N PRO B 69 -14.39 -16.46 -11.71
CA PRO B 69 -14.75 -17.65 -10.94
C PRO B 69 -14.06 -17.74 -9.59
N LEU B 70 -14.15 -16.70 -8.78
CA LEU B 70 -13.45 -16.68 -7.51
C LEU B 70 -14.39 -16.30 -6.40
N ILE B 71 -14.27 -17.00 -5.28
CA ILE B 71 -14.96 -16.60 -4.06
C ILE B 71 -13.98 -16.52 -2.90
N SER B 72 -14.19 -15.56 -2.00
CA SER B 72 -13.36 -15.49 -0.81
C SER B 72 -14.02 -16.17 0.37
N ALA B 73 -13.23 -16.99 1.06
CA ALA B 73 -13.72 -17.83 2.14
C ALA B 73 -14.41 -17.08 3.29
N GLY B 74 -15.34 -17.77 3.92
CA GLY B 74 -16.16 -17.24 5.00
C GLY B 74 -15.45 -17.33 6.32
N MET B 75 -14.13 -17.14 6.29
CA MET B 75 -13.27 -17.23 7.47
C MET B 75 -13.03 -15.88 8.13
N ASP B 76 -12.85 -15.88 9.45
CA ASP B 76 -12.76 -14.61 10.19
C ASP B 76 -11.45 -13.86 10.01
N THR B 77 -10.46 -14.52 9.42
CA THR B 77 -9.23 -13.85 9.02
C THR B 77 -9.21 -13.53 7.53
N VAL B 78 -10.31 -13.85 6.84
CA VAL B 78 -10.40 -13.63 5.39
C VAL B 78 -11.47 -12.63 4.95
N THR B 79 -12.74 -12.88 5.27
CA THR B 79 -13.78 -12.06 4.67
C THR B 79 -14.75 -11.36 5.61
N GLU B 80 -14.66 -10.04 5.60
CA GLU B 80 -15.64 -9.14 6.19
C GLU B 80 -16.07 -8.15 5.09
N ALA B 81 -16.82 -7.10 5.44
CA ALA B 81 -17.45 -6.24 4.43
C ALA B 81 -16.51 -5.59 3.42
N ASP B 82 -15.31 -5.25 3.85
CA ASP B 82 -14.30 -4.66 2.98
C ASP B 82 -13.82 -5.60 1.88
N MET B 83 -13.58 -6.84 2.25
CA MET B 83 -13.12 -7.88 1.34
C MET B 83 -14.25 -8.16 0.37
N ALA B 84 -15.45 -8.30 0.91
CA ALA B 84 -16.64 -8.58 0.14
C ALA B 84 -16.88 -7.50 -0.91
N ILE B 85 -16.68 -6.24 -0.52
CA ILE B 85 -16.85 -5.16 -1.48
C ILE B 85 -15.82 -5.25 -2.59
N ALA B 86 -14.54 -5.36 -2.21
CA ALA B 86 -13.47 -5.52 -3.17
C ALA B 86 -13.66 -6.74 -4.08
N MET B 87 -14.15 -7.84 -3.53
CA MET B 87 -14.42 -9.03 -4.34
C MET B 87 -15.49 -8.80 -5.41
N ALA B 88 -16.67 -8.31 -4.99
CA ALA B 88 -17.73 -7.98 -5.94
C ALA B 88 -17.25 -6.98 -7.00
N ARG B 89 -16.45 -5.99 -6.61
CA ARG B 89 -15.93 -5.01 -7.58
C ARG B 89 -15.10 -5.68 -8.70
N GLN B 90 -14.39 -6.73 -8.37
CA GLN B 90 -13.58 -7.42 -9.36
C GLN B 90 -14.40 -8.46 -10.09
N GLY B 91 -15.64 -8.66 -9.62
CA GLY B 91 -16.54 -9.59 -10.26
C GLY B 91 -16.62 -10.95 -9.59
N GLY B 92 -16.04 -11.06 -8.39
CA GLY B 92 -16.12 -12.29 -7.63
C GLY B 92 -17.15 -12.14 -6.52
N LEU B 93 -17.07 -12.97 -5.49
CA LEU B 93 -18.03 -12.93 -4.39
C LEU B 93 -17.31 -13.12 -3.05
N GLY B 94 -17.59 -12.23 -2.08
CA GLY B 94 -17.11 -12.40 -0.72
C GLY B 94 -18.14 -13.14 0.12
N ILE B 95 -17.70 -13.89 1.13
CA ILE B 95 -18.63 -14.56 2.03
C ILE B 95 -18.34 -14.04 3.42
N ILE B 96 -19.27 -13.25 3.95
CA ILE B 96 -19.12 -12.73 5.29
C ILE B 96 -19.16 -13.90 6.25
N HIS B 97 -18.19 -13.96 7.16
CA HIS B 97 -18.15 -15.01 8.17
C HIS B 97 -19.16 -14.83 9.31
N LYS B 98 -19.48 -15.95 9.97
CA LYS B 98 -20.44 -15.95 11.08
C LYS B 98 -19.80 -15.84 12.47
N ASN B 99 -18.51 -15.55 12.52
CA ASN B 99 -17.80 -15.50 13.78
C ASN B 99 -18.08 -14.23 14.56
N MET B 100 -19.14 -13.53 14.16
CA MET B 100 -19.68 -12.35 14.84
C MET B 100 -21.14 -12.55 15.28
N SER B 101 -21.74 -11.49 15.81
CA SER B 101 -23.15 -11.52 16.19
C SER B 101 -24.03 -11.50 14.95
N ILE B 102 -25.28 -11.93 15.09
CA ILE B 102 -26.25 -11.87 13.99
C ILE B 102 -26.40 -10.45 13.49
N GLU B 103 -26.54 -9.50 14.41
CA GLU B 103 -26.74 -8.11 14.01
C GLU B 103 -25.54 -7.54 13.27
N GLN B 104 -24.34 -7.79 13.79
CA GLN B 104 -23.13 -7.29 13.16
C GLN B 104 -22.98 -7.84 11.74
N GLN B 105 -23.45 -9.06 11.53
CA GLN B 105 -23.33 -9.74 10.23
C GLN B 105 -24.31 -9.18 9.20
N ALA B 106 -25.56 -8.99 9.62
CA ALA B 106 -26.55 -8.35 8.78
C ALA B 106 -26.11 -6.93 8.42
N GLU B 107 -25.51 -6.25 9.39
CA GLU B 107 -25.01 -4.90 9.17
C GLU B 107 -23.90 -4.91 8.12
N GLN B 108 -23.08 -5.94 8.18
CA GLN B 108 -21.97 -6.10 7.28
C GLN B 108 -22.49 -6.33 5.87
N VAL B 109 -23.55 -7.13 5.76
CA VAL B 109 -24.17 -7.39 4.46
C VAL B 109 -24.80 -6.12 3.91
N ASP B 110 -25.51 -5.39 4.77
CA ASP B 110 -26.10 -4.12 4.41
C ASP B 110 -25.05 -3.17 3.82
N LYS B 111 -23.87 -3.18 4.42
CA LYS B 111 -22.82 -2.26 4.03
C LYS B 111 -22.29 -2.57 2.62
N VAL B 112 -22.33 -3.84 2.25
CA VAL B 112 -21.99 -4.25 0.90
C VAL B 112 -23.09 -3.95 -0.14
N LYS B 113 -24.34 -4.23 0.20
CA LYS B 113 -25.44 -3.94 -0.71
C LYS B 113 -25.66 -2.42 -0.88
N ARG B 114 -25.12 -1.64 0.03
CA ARG B 114 -25.25 -0.18 -0.07
C ARG B 114 -24.02 0.55 -0.63
N SER B 115 -22.97 -0.21 -0.93
CA SER B 115 -21.73 0.37 -1.43
C SER B 115 -21.97 1.12 -2.74
N GLU B 116 -22.67 0.46 -3.66
CA GLU B 116 -23.11 1.09 -4.89
C GLU B 116 -24.62 1.20 -4.86
N SER B 117 -25.12 2.37 -5.20
CA SER B 117 -26.53 2.69 -4.96
C SER B 117 -27.52 1.81 -5.72
N GLY B 118 -27.25 1.56 -7.00
CA GLY B 118 -28.20 0.86 -7.85
C GLY B 118 -29.40 1.73 -8.16
N VAL B 119 -30.53 1.08 -8.44
CA VAL B 119 -31.75 1.80 -8.83
C VAL B 119 -32.94 1.54 -7.87
N GLY B 146 -26.44 18.42 -4.10
CA GLY B 146 -27.80 18.63 -4.57
C GLY B 146 -28.81 17.71 -3.91
N VAL B 147 -30.02 18.21 -3.72
CA VAL B 147 -31.12 17.45 -3.12
C VAL B 147 -32.45 17.83 -3.73
N PRO B 148 -33.36 16.86 -3.91
CA PRO B 148 -34.69 17.12 -4.46
C PRO B 148 -35.68 17.61 -3.43
N ILE B 161 -36.03 20.29 -6.96
CA ILE B 161 -34.61 20.20 -6.57
C ILE B 161 -34.05 21.50 -6.11
N ILE B 162 -33.23 21.43 -5.07
CA ILE B 162 -32.51 22.61 -4.62
C ILE B 162 -31.01 22.40 -4.71
N THR B 163 -30.39 23.11 -5.64
CA THR B 163 -28.99 22.88 -5.95
C THR B 163 -28.11 23.31 -4.80
N ASN B 164 -26.93 22.74 -4.72
CA ASN B 164 -25.97 23.22 -3.77
C ASN B 164 -25.61 24.63 -4.20
N ARG B 165 -25.79 24.87 -5.48
CA ARG B 165 -25.66 26.21 -6.00
C ARG B 165 -26.80 27.13 -5.59
N ASP B 166 -28.02 26.62 -5.59
CA ASP B 166 -29.21 27.43 -5.34
C ASP B 166 -29.12 28.31 -4.08
N MET B 167 -28.64 27.73 -2.97
CA MET B 167 -28.42 28.48 -1.75
C MET B 167 -27.47 29.67 -1.89
N ARG B 168 -26.18 29.41 -2.12
CA ARG B 168 -25.18 30.46 -2.30
C ARG B 168 -25.12 31.47 -1.16
N PHE B 169 -25.46 32.71 -1.49
CA PHE B 169 -25.39 33.87 -0.59
C PHE B 169 -26.13 33.68 0.73
N ILE B 170 -27.47 33.68 0.65
CA ILE B 170 -28.41 33.64 1.78
C ILE B 170 -27.82 33.56 3.21
N LEU B 186 -36.72 21.63 -14.99
CA LEU B 186 -35.75 20.62 -14.57
C LEU B 186 -35.92 19.27 -15.30
N ILE B 187 -34.87 18.46 -15.27
CA ILE B 187 -34.72 17.30 -16.15
C ILE B 187 -34.94 15.95 -15.44
N THR B 188 -35.49 14.98 -16.17
CA THR B 188 -35.80 13.67 -15.58
C THR B 188 -35.77 12.51 -16.54
N ALA B 189 -35.82 11.31 -15.96
CA ALA B 189 -35.83 10.07 -16.74
C ALA B 189 -36.72 8.99 -16.08
N PRO B 190 -37.45 8.22 -16.89
CA PRO B 190 -38.29 7.11 -16.45
C PRO B 190 -37.62 6.11 -15.51
N VAL B 191 -38.35 5.08 -15.09
CA VAL B 191 -37.84 4.09 -14.15
C VAL B 191 -37.10 2.93 -14.80
N GLY B 192 -37.49 2.57 -16.01
CA GLY B 192 -36.86 1.46 -16.70
C GLY B 192 -35.47 1.75 -17.22
N THR B 193 -34.95 2.92 -16.86
CA THR B 193 -33.70 3.47 -17.40
C THR B 193 -32.35 2.84 -16.96
N THR B 194 -31.61 2.28 -17.90
CA THR B 194 -30.32 1.68 -17.59
C THR B 194 -29.27 2.74 -17.25
N LEU B 195 -28.18 2.34 -16.60
CA LEU B 195 -27.09 3.26 -16.27
C LEU B 195 -26.51 3.91 -17.54
N SER B 196 -26.28 3.11 -18.57
CA SER B 196 -25.67 3.62 -19.78
C SER B 196 -26.57 4.59 -20.53
N GLU B 197 -27.88 4.38 -20.42
CA GLU B 197 -28.83 5.34 -20.95
C GLU B 197 -28.70 6.63 -20.17
N ALA B 198 -28.68 6.51 -18.85
CA ALA B 198 -28.63 7.67 -17.98
C ALA B 198 -27.31 8.42 -18.16
N GLU B 199 -26.28 7.69 -18.56
CA GLU B 199 -25.00 8.32 -18.84
C GLU B 199 -25.12 9.29 -20.00
N LYS B 200 -25.82 8.88 -21.05
CA LYS B 200 -25.94 9.71 -22.23
C LYS B 200 -26.68 11.02 -21.90
N ILE B 201 -27.75 10.89 -21.12
CA ILE B 201 -28.59 12.02 -20.75
C ILE B 201 -27.85 13.05 -19.88
N LEU B 202 -27.05 12.58 -18.93
CA LEU B 202 -26.26 13.44 -18.04
C LEU B 202 -25.13 14.10 -18.81
N GLN B 203 -24.59 13.41 -19.78
CA GLN B 203 -23.51 13.95 -20.55
C GLN B 203 -24.01 15.06 -21.39
N LYS B 204 -25.12 14.81 -22.05
CA LYS B 204 -25.66 15.75 -23.02
C LYS B 204 -26.07 17.08 -22.36
N TYR B 205 -26.81 16.98 -21.26
CA TYR B 205 -27.30 18.16 -20.56
C TYR B 205 -26.30 18.65 -19.52
N LYS B 206 -25.16 17.96 -19.44
CA LYS B 206 -24.08 18.32 -18.54
C LYS B 206 -24.57 18.54 -17.09
N ILE B 207 -25.37 17.61 -16.56
CA ILE B 207 -25.83 17.68 -15.16
C ILE B 207 -25.40 16.49 -14.27
N GLU B 208 -25.40 16.72 -12.96
CA GLU B 208 -24.94 15.72 -11.99
C GLU B 208 -25.91 14.65 -11.46
N LYS B 209 -27.15 15.03 -11.15
CA LYS B 209 -28.12 14.07 -10.65
C LYS B 209 -29.29 13.94 -11.60
N LEU B 210 -29.75 12.72 -11.81
CA LEU B 210 -30.86 12.45 -12.72
C LEU B 210 -31.99 11.72 -12.02
N PRO B 211 -32.94 12.48 -11.47
CA PRO B 211 -34.09 11.92 -10.77
C PRO B 211 -34.95 11.04 -11.67
N LEU B 212 -35.59 10.03 -11.06
CA LEU B 212 -36.41 9.07 -11.80
C LEU B 212 -37.87 9.02 -11.33
N VAL B 213 -38.75 8.74 -12.29
CA VAL B 213 -40.09 8.22 -12.04
C VAL B 213 -40.67 7.81 -13.37
N LEU B 222 -32.94 7.43 -8.38
CA LEU B 222 -32.08 8.52 -8.83
C LEU B 222 -30.64 8.10 -9.14
N ILE B 223 -30.02 8.75 -10.12
CA ILE B 223 -28.67 8.41 -10.58
C ILE B 223 -27.72 9.61 -10.54
N THR B 224 -26.46 9.38 -10.21
CA THR B 224 -25.49 10.47 -10.15
C THR B 224 -24.41 10.25 -11.19
N ILE B 225 -23.47 11.17 -11.31
CA ILE B 225 -22.32 10.96 -12.18
C ILE B 225 -21.37 10.02 -11.50
N LYS B 226 -21.34 10.09 -10.19
CA LYS B 226 -20.43 9.25 -9.39
C LYS B 226 -20.81 7.76 -9.44
N ASP B 227 -22.09 7.48 -9.68
CA ASP B 227 -22.52 6.11 -9.92
C ASP B 227 -21.98 5.59 -11.26
N ILE B 228 -22.04 6.43 -12.28
CA ILE B 228 -21.53 6.08 -13.61
C ILE B 228 -20.01 5.93 -13.59
N GLU B 229 -19.37 6.68 -12.70
CA GLU B 229 -17.92 6.64 -12.55
C GLU B 229 -17.50 5.36 -11.87
N LYS B 230 -18.35 4.86 -10.98
CA LYS B 230 -18.10 3.60 -10.31
C LYS B 230 -18.07 2.47 -11.35
N VAL B 231 -18.87 2.63 -12.42
CA VAL B 231 -18.97 1.61 -13.46
C VAL B 231 -17.72 1.60 -14.35
N ILE B 232 -17.15 2.78 -14.57
CA ILE B 232 -15.94 2.88 -15.38
C ILE B 232 -14.73 2.38 -14.59
N GLU B 233 -14.73 2.71 -13.29
CA GLU B 233 -13.64 2.34 -12.41
C GLU B 233 -13.56 0.83 -12.17
N PHE B 234 -14.71 0.16 -12.14
CA PHE B 234 -14.78 -1.29 -11.94
C PHE B 234 -15.65 -1.94 -12.99
N PRO B 235 -15.09 -2.15 -14.17
CA PRO B 235 -15.83 -2.67 -15.33
C PRO B 235 -16.41 -4.07 -15.08
N ASN B 236 -15.75 -4.84 -14.24
CA ASN B 236 -16.11 -6.23 -14.03
C ASN B 236 -17.00 -6.55 -12.84
N SER B 237 -17.49 -5.54 -12.13
CA SER B 237 -18.16 -5.78 -10.86
C SER B 237 -19.38 -6.69 -10.94
N ALA B 238 -19.51 -7.61 -9.98
CA ALA B 238 -20.61 -8.58 -9.99
C ALA B 238 -21.79 -8.05 -9.21
N LYS B 239 -22.94 -7.95 -9.88
CA LYS B 239 -24.11 -7.27 -9.35
C LYS B 239 -25.40 -8.06 -9.41
N ASP B 240 -26.35 -7.70 -8.56
CA ASP B 240 -27.69 -8.26 -8.61
C ASP B 240 -28.53 -7.54 -9.67
N LYS B 241 -29.83 -7.73 -9.68
CA LYS B 241 -30.63 -7.14 -10.73
C LYS B 241 -30.87 -5.70 -10.50
N GLN B 242 -30.89 -5.32 -9.25
CA GLN B 242 -31.14 -3.92 -8.88
C GLN B 242 -29.89 -3.07 -9.02
N GLY B 243 -28.80 -3.67 -9.44
CA GLY B 243 -27.57 -2.93 -9.66
C GLY B 243 -26.70 -2.79 -8.43
N ARG B 244 -26.99 -3.59 -7.41
CA ARG B 244 -26.22 -3.66 -6.17
C ARG B 244 -25.19 -4.76 -6.25
N LEU B 245 -24.05 -4.54 -5.59
CA LEU B 245 -23.02 -5.56 -5.42
C LEU B 245 -23.59 -6.82 -4.78
N LEU B 246 -23.12 -7.98 -5.25
CA LEU B 246 -23.45 -9.28 -4.67
C LEU B 246 -22.69 -9.52 -3.36
N VAL B 247 -23.31 -10.25 -2.44
CA VAL B 247 -22.66 -10.66 -1.20
C VAL B 247 -23.21 -12.00 -0.70
N GLY B 248 -22.35 -12.87 -0.18
CA GLY B 248 -22.79 -14.09 0.45
C GLY B 248 -22.60 -13.97 1.94
N ALA B 249 -23.19 -14.88 2.72
CA ALA B 249 -22.97 -14.89 4.17
C ALA B 249 -22.90 -16.31 4.69
N ALA B 250 -22.04 -16.55 5.68
CA ALA B 250 -21.91 -17.88 6.25
C ALA B 250 -22.86 -18.11 7.42
N VAL B 251 -23.51 -19.27 7.41
CA VAL B 251 -24.40 -19.68 8.48
C VAL B 251 -24.03 -21.11 8.85
N GLY B 252 -24.11 -21.43 10.14
CA GLY B 252 -23.81 -22.78 10.63
C GLY B 252 -25.05 -23.57 10.96
N VAL B 253 -24.92 -24.86 11.25
CA VAL B 253 -26.10 -25.62 11.61
C VAL B 253 -26.26 -25.56 13.13
N THR B 254 -27.26 -24.82 13.58
CA THR B 254 -27.48 -24.59 14.98
C THR B 254 -28.97 -24.38 15.19
N ALA B 255 -29.38 -24.10 16.43
CA ALA B 255 -30.77 -23.74 16.71
C ALA B 255 -31.03 -22.30 16.26
N ASP B 256 -30.01 -21.46 16.36
CA ASP B 256 -30.12 -20.05 16.00
C ASP B 256 -29.80 -19.78 14.53
N ALA B 257 -29.61 -20.85 13.76
CA ALA B 257 -29.40 -20.77 12.33
C ALA B 257 -30.52 -20.03 11.60
N MET B 258 -31.75 -20.50 11.80
CA MET B 258 -32.92 -19.92 11.13
C MET B 258 -33.09 -18.42 11.44
N THR B 259 -32.73 -18.03 12.64
CA THR B 259 -32.81 -16.64 13.06
C THR B 259 -31.73 -15.80 12.37
N ARG B 260 -30.51 -16.33 12.30
CA ARG B 260 -29.44 -15.61 11.63
C ARG B 260 -29.83 -15.41 10.20
N ILE B 261 -30.38 -16.46 9.61
CA ILE B 261 -30.77 -16.43 8.21
C ILE B 261 -31.81 -15.34 7.93
N ASP B 262 -32.86 -15.33 8.73
CA ASP B 262 -33.94 -14.33 8.63
C ASP B 262 -33.44 -12.89 8.67
N ALA B 263 -32.52 -12.60 9.58
CA ALA B 263 -31.93 -11.26 9.61
C ALA B 263 -31.09 -10.99 8.36
N LEU B 264 -30.34 -11.98 7.90
CA LEU B 264 -29.54 -11.80 6.70
C LEU B 264 -30.41 -11.56 5.46
N VAL B 265 -31.53 -12.28 5.38
CA VAL B 265 -32.41 -12.19 4.23
C VAL B 265 -33.05 -10.80 4.20
N LYS B 266 -33.28 -10.24 5.39
CA LYS B 266 -33.87 -8.92 5.52
C LYS B 266 -32.93 -7.87 4.94
N ALA B 267 -31.63 -8.14 5.05
CA ALA B 267 -30.60 -7.22 4.54
C ALA B 267 -30.25 -7.49 3.07
N SER B 268 -31.02 -8.36 2.42
CA SER B 268 -30.84 -8.65 0.99
C SER B 268 -29.52 -9.35 0.66
N VAL B 269 -29.17 -10.35 1.47
CA VAL B 269 -28.03 -11.20 1.16
C VAL B 269 -28.37 -12.01 -0.09
N ASP B 270 -27.40 -12.13 -0.99
CA ASP B 270 -27.58 -12.82 -2.26
C ASP B 270 -27.47 -14.33 -2.16
N ALA B 271 -26.75 -14.82 -1.15
CA ALA B 271 -26.69 -16.26 -0.90
C ALA B 271 -26.25 -16.56 0.55
N ILE B 272 -26.61 -17.73 1.04
CA ILE B 272 -26.09 -18.16 2.32
C ILE B 272 -25.28 -19.42 2.12
N VAL B 273 -24.25 -19.59 2.94
CA VAL B 273 -23.46 -20.80 2.89
C VAL B 273 -23.68 -21.55 4.17
N LEU B 274 -24.42 -22.66 4.12
CA LEU B 274 -24.46 -23.52 5.28
C LEU B 274 -23.15 -24.29 5.26
N ASP B 275 -22.33 -24.06 6.27
CA ASP B 275 -20.98 -24.57 6.25
C ASP B 275 -20.70 -25.49 7.43
N THR B 276 -20.47 -26.77 7.13
CA THR B 276 -20.08 -27.72 8.15
C THR B 276 -18.88 -28.53 7.70
N ALA B 277 -18.16 -29.06 8.68
CA ALA B 277 -17.04 -29.95 8.40
C ALA B 277 -17.53 -31.18 7.64
N HIS B 278 -18.69 -31.70 8.05
CA HIS B 278 -19.26 -32.86 7.39
C HIS B 278 -20.64 -32.49 6.87
N GLY B 279 -20.75 -32.30 5.57
CA GLY B 279 -22.03 -31.91 4.99
C GLY B 279 -22.90 -33.13 4.76
N HIS B 280 -22.33 -34.30 4.96
CA HIS B 280 -23.04 -35.53 4.72
C HIS B 280 -23.81 -36.02 5.95
N SER B 281 -23.87 -35.18 6.98
CA SER B 281 -24.67 -35.50 8.17
C SER B 281 -26.17 -35.22 8.00
N GLN B 282 -26.99 -36.08 8.60
CA GLN B 282 -28.45 -35.98 8.51
C GLN B 282 -28.96 -34.61 8.94
N GLY B 283 -28.27 -34.03 9.93
CA GLY B 283 -28.63 -32.74 10.49
C GLY B 283 -28.44 -31.57 9.55
N VAL B 284 -27.43 -31.66 8.69
CA VAL B 284 -27.15 -30.62 7.72
C VAL B 284 -28.18 -30.71 6.60
N ILE B 285 -28.44 -31.94 6.16
CA ILE B 285 -29.50 -32.22 5.22
C ILE B 285 -30.85 -31.69 5.71
N ASP B 286 -31.14 -31.91 6.99
CA ASP B 286 -32.39 -31.39 7.54
C ASP B 286 -32.46 -29.86 7.58
N LYS B 287 -31.34 -29.19 7.85
CA LYS B 287 -31.36 -27.73 7.86
C LYS B 287 -31.67 -27.17 6.48
N VAL B 288 -31.13 -27.80 5.42
CA VAL B 288 -31.33 -27.30 4.06
C VAL B 288 -32.80 -27.37 3.65
N LYS B 289 -33.38 -28.56 3.73
CA LYS B 289 -34.78 -28.72 3.38
C LYS B 289 -35.69 -27.81 4.19
N GLU B 290 -35.24 -27.50 5.41
CA GLU B 290 -35.95 -26.55 6.26
C GLU B 290 -35.85 -25.14 5.67
N VAL B 291 -34.62 -24.67 5.49
CA VAL B 291 -34.41 -23.34 4.94
C VAL B 291 -35.01 -23.21 3.55
N ARG B 292 -34.91 -24.25 2.73
CA ARG B 292 -35.52 -24.22 1.42
C ARG B 292 -37.04 -24.09 1.56
N ALA B 293 -37.60 -24.71 2.60
CA ALA B 293 -39.05 -24.67 2.77
C ALA B 293 -39.54 -23.28 3.18
N LYS B 294 -38.68 -22.50 3.84
CA LYS B 294 -39.00 -21.11 4.16
C LYS B 294 -38.72 -20.11 3.04
N TYR B 295 -37.58 -20.28 2.37
CA TYR B 295 -37.10 -19.29 1.44
C TYR B 295 -36.83 -19.93 0.09
N PRO B 296 -37.87 -20.11 -0.72
CA PRO B 296 -37.78 -20.89 -1.96
C PRO B 296 -36.95 -20.24 -3.05
N SER B 297 -36.74 -18.92 -2.97
CA SER B 297 -35.92 -18.21 -3.94
C SER B 297 -34.48 -18.07 -3.50
N LEU B 298 -34.20 -18.42 -2.25
CA LEU B 298 -32.89 -18.14 -1.67
C LEU B 298 -31.80 -19.08 -2.20
N ASN B 299 -30.67 -18.51 -2.59
CA ASN B 299 -29.51 -19.31 -2.99
C ASN B 299 -28.88 -19.93 -1.75
N ILE B 300 -28.83 -21.25 -1.73
CA ILE B 300 -28.27 -22.00 -0.62
C ILE B 300 -27.03 -22.72 -1.08
N ILE B 301 -25.89 -22.36 -0.51
CA ILE B 301 -24.62 -23.05 -0.75
C ILE B 301 -24.35 -23.99 0.41
N ALA B 302 -24.24 -25.29 0.13
CA ALA B 302 -24.04 -26.28 1.18
C ALA B 302 -22.76 -27.08 1.03
N GLY B 303 -22.13 -27.40 2.16
CA GLY B 303 -20.91 -28.18 2.22
C GLY B 303 -20.43 -28.36 3.66
N ASN B 304 -19.29 -29.03 3.85
CA ASN B 304 -18.46 -29.51 2.76
C ASN B 304 -18.58 -31.02 2.57
N VAL B 305 -18.41 -31.44 1.32
CA VAL B 305 -18.59 -32.82 0.92
C VAL B 305 -17.43 -33.22 0.07
N ALA B 306 -17.05 -34.48 0.16
CA ALA B 306 -16.09 -35.03 -0.78
C ALA B 306 -16.60 -36.10 -1.77
N THR B 307 -17.88 -36.46 -1.71
CA THR B 307 -18.40 -37.55 -2.56
C THR B 307 -19.66 -37.29 -3.38
N ALA B 308 -19.79 -38.07 -4.46
CA ALA B 308 -20.99 -38.08 -5.28
C ALA B 308 -22.26 -38.27 -4.44
N GLU B 309 -22.26 -39.27 -3.56
CA GLU B 309 -23.41 -39.58 -2.71
C GLU B 309 -23.79 -38.44 -1.78
N ALA B 310 -22.79 -37.79 -1.18
CA ALA B 310 -23.02 -36.63 -0.31
C ALA B 310 -23.51 -35.46 -1.13
N THR B 311 -22.97 -35.32 -2.33
CA THR B 311 -23.36 -34.26 -3.24
C THR B 311 -24.80 -34.42 -3.69
N LYS B 312 -25.20 -35.65 -4.00
CA LYS B 312 -26.57 -35.89 -4.43
C LYS B 312 -27.55 -35.53 -3.29
N ALA B 313 -27.24 -35.96 -2.08
CA ALA B 313 -28.12 -35.75 -0.95
C ALA B 313 -28.36 -34.25 -0.72
N LEU B 314 -27.32 -33.45 -0.92
CA LEU B 314 -27.43 -32.02 -0.71
C LEU B 314 -28.33 -31.39 -1.77
N ILE B 315 -28.17 -31.83 -3.01
CA ILE B 315 -28.99 -31.33 -4.10
C ILE B 315 -30.48 -31.64 -3.89
N GLU B 316 -30.76 -32.87 -3.44
CA GLU B 316 -32.13 -33.28 -3.19
C GLU B 316 -32.74 -32.50 -2.03
N ALA B 317 -31.92 -32.14 -1.05
CA ALA B 317 -32.40 -31.34 0.06
C ALA B 317 -32.72 -29.90 -0.35
N GLY B 318 -32.28 -29.51 -1.55
CA GLY B 318 -32.49 -28.17 -2.02
C GLY B 318 -31.30 -27.23 -2.17
N ALA B 319 -30.08 -27.72 -1.96
CA ALA B 319 -28.88 -26.90 -2.21
C ALA B 319 -28.82 -26.44 -3.67
N ASN B 320 -28.54 -25.14 -3.87
CA ASN B 320 -28.33 -24.57 -5.22
C ASN B 320 -26.92 -24.76 -5.74
N VAL B 321 -25.96 -24.66 -4.83
CA VAL B 321 -24.56 -24.86 -5.11
C VAL B 321 -24.03 -25.81 -4.07
N VAL B 322 -23.13 -26.70 -4.47
CA VAL B 322 -22.46 -27.56 -3.52
C VAL B 322 -21.01 -27.13 -3.34
N LYS B 323 -20.50 -27.25 -2.12
CA LYS B 323 -19.13 -26.87 -1.83
C LYS B 323 -18.26 -28.10 -1.51
N VAL B 324 -17.08 -28.17 -2.10
CA VAL B 324 -16.35 -29.41 -2.09
C VAL B 324 -15.01 -29.35 -1.37
N GLY B 325 -14.78 -30.42 -0.63
CA GLY B 325 -13.52 -30.73 0.00
C GLY B 325 -13.46 -30.74 1.50
N ILE B 326 -12.72 -31.74 1.96
CA ILE B 326 -12.62 -32.11 3.34
C ILE B 326 -11.14 -32.29 3.56
N GLY B 327 -10.53 -31.42 4.34
CA GLY B 327 -9.09 -31.47 4.60
C GLY B 327 -8.01 -30.86 3.70
N PRO B 328 -8.31 -30.45 2.44
CA PRO B 328 -7.19 -29.96 1.62
C PRO B 328 -6.62 -28.61 2.06
N GLY B 329 -7.31 -27.92 2.95
CA GLY B 329 -6.93 -26.57 3.33
C GLY B 329 -5.56 -26.51 3.96
N SER B 330 -4.89 -25.39 3.74
CA SER B 330 -3.51 -25.20 4.15
C SER B 330 -3.27 -25.27 5.65
N ILE B 331 -4.16 -24.71 6.44
CA ILE B 331 -4.06 -24.84 7.89
C ILE B 331 -5.04 -25.83 8.49
N CYS B 332 -5.70 -26.60 7.64
CA CYS B 332 -6.57 -27.65 8.11
C CYS B 332 -5.75 -28.85 8.54
N THR B 333 -6.07 -29.41 9.71
CA THR B 333 -5.51 -30.70 10.13
C THR B 333 -6.46 -31.91 10.12
N THR B 334 -7.69 -31.73 9.62
CA THR B 334 -8.70 -32.80 9.58
C THR B 334 -8.16 -34.15 9.12
N ARG B 335 -7.37 -34.16 8.05
CA ARG B 335 -6.81 -35.41 7.57
C ARG B 335 -5.79 -36.04 8.53
N VAL B 336 -5.02 -35.22 9.23
CA VAL B 336 -4.00 -35.72 10.13
C VAL B 336 -4.66 -36.15 11.43
N VAL B 337 -5.68 -35.40 11.82
CA VAL B 337 -6.30 -35.59 13.13
C VAL B 337 -7.37 -36.69 13.16
N ALA B 338 -8.26 -36.68 12.17
CA ALA B 338 -9.29 -37.71 12.08
C ALA B 338 -9.00 -38.79 11.02
N GLY B 339 -7.95 -38.60 10.22
CA GLY B 339 -7.60 -39.57 9.20
C GLY B 339 -8.46 -39.55 7.97
N VAL B 340 -9.34 -38.55 7.90
CA VAL B 340 -10.43 -38.50 6.91
C VAL B 340 -10.19 -37.47 5.82
N GLY B 341 -10.55 -37.81 4.58
CA GLY B 341 -10.46 -36.85 3.48
C GLY B 341 -10.54 -37.50 2.10
N VAL B 342 -10.64 -36.66 1.08
CA VAL B 342 -10.44 -37.12 -0.29
C VAL B 342 -9.47 -36.14 -0.95
N PRO B 343 -8.49 -36.65 -1.74
CA PRO B 343 -7.59 -35.73 -2.48
C PRO B 343 -8.46 -34.84 -3.34
N GLN B 344 -8.19 -33.54 -3.30
CA GLN B 344 -9.17 -32.55 -3.73
C GLN B 344 -9.55 -32.66 -5.18
N LEU B 345 -8.59 -32.99 -6.02
CA LEU B 345 -8.82 -33.04 -7.45
C LEU B 345 -9.74 -34.21 -7.80
N THR B 346 -9.56 -35.34 -7.14
CA THR B 346 -10.50 -36.44 -7.28
C THR B 346 -11.88 -36.09 -6.70
N ALA B 347 -11.86 -35.44 -5.54
CA ALA B 347 -13.09 -34.98 -4.88
C ALA B 347 -13.93 -34.03 -5.74
N VAL B 348 -13.30 -32.97 -6.26
CA VAL B 348 -13.98 -32.06 -7.17
C VAL B 348 -14.61 -32.79 -8.37
N TYR B 349 -13.82 -33.65 -9.01
CA TYR B 349 -14.28 -34.41 -10.17
C TYR B 349 -15.44 -35.37 -9.84
N ASP B 350 -15.27 -36.22 -8.83
CA ASP B 350 -16.36 -37.11 -8.38
C ASP B 350 -17.64 -36.37 -7.99
N CYS B 351 -17.50 -35.19 -7.41
CA CYS B 351 -18.64 -34.38 -7.01
C CYS B 351 -19.26 -33.67 -8.20
N ALA B 352 -18.41 -33.14 -9.08
CA ALA B 352 -18.89 -32.56 -10.33
C ALA B 352 -19.61 -33.60 -11.20
N THR B 353 -19.17 -34.85 -11.14
CA THR B 353 -19.78 -35.91 -11.94
C THR B 353 -21.23 -36.09 -11.57
N GLU B 354 -21.54 -35.95 -10.29
CA GLU B 354 -22.95 -36.01 -9.85
C GLU B 354 -23.71 -34.70 -10.13
N ALA B 355 -23.10 -33.57 -9.77
CA ALA B 355 -23.73 -32.25 -9.92
C ALA B 355 -24.12 -31.91 -11.36
N ARG B 356 -23.28 -32.33 -12.30
CA ARG B 356 -23.52 -32.24 -13.72
C ARG B 356 -24.87 -32.80 -14.14
N LYS B 357 -25.24 -33.94 -13.58
CA LYS B 357 -26.51 -34.57 -13.93
C LYS B 357 -27.68 -33.65 -13.56
N HIS B 358 -27.52 -32.86 -12.51
CA HIS B 358 -28.60 -32.00 -12.07
C HIS B 358 -28.48 -30.54 -12.55
N GLY B 359 -27.41 -30.24 -13.29
CA GLY B 359 -27.15 -28.88 -13.71
C GLY B 359 -26.74 -27.99 -12.54
N ILE B 360 -26.20 -28.61 -11.48
CA ILE B 360 -25.75 -27.89 -10.28
C ILE B 360 -24.25 -27.59 -10.32
N PRO B 361 -23.88 -26.32 -10.11
CA PRO B 361 -22.45 -25.98 -10.05
C PRO B 361 -21.80 -26.38 -8.71
N VAL B 362 -20.53 -26.79 -8.74
CA VAL B 362 -19.81 -27.03 -7.50
C VAL B 362 -18.74 -25.97 -7.22
N ILE B 363 -18.45 -25.75 -5.95
CA ILE B 363 -17.32 -24.94 -5.54
C ILE B 363 -16.16 -25.82 -5.09
N ALA B 364 -14.97 -25.53 -5.61
CA ALA B 364 -13.75 -26.15 -5.12
C ALA B 364 -13.20 -25.33 -3.96
N ASP B 365 -13.22 -25.90 -2.76
CA ASP B 365 -12.82 -25.15 -1.57
C ASP B 365 -11.57 -25.72 -0.88
N GLY B 366 -10.46 -25.00 -0.93
CA GLY B 366 -9.24 -25.40 -0.24
C GLY B 366 -8.19 -26.07 -1.12
N GLY B 367 -6.92 -25.95 -0.73
CA GLY B 367 -5.86 -26.71 -1.36
C GLY B 367 -5.14 -26.06 -2.52
N ILE B 368 -5.57 -24.86 -2.88
CA ILE B 368 -5.05 -24.13 -4.03
C ILE B 368 -3.93 -23.20 -3.60
N LYS B 369 -2.69 -23.50 -4.00
CA LYS B 369 -1.57 -22.62 -3.66
C LYS B 369 -1.10 -21.72 -4.79
N TYR B 370 -1.47 -22.05 -6.02
CA TYR B 370 -1.03 -21.25 -7.17
C TYR B 370 -2.17 -21.12 -8.16
N SER B 371 -2.04 -20.17 -9.08
CA SER B 371 -3.13 -19.90 -10.01
C SER B 371 -3.38 -21.12 -10.87
N GLY B 372 -2.33 -21.88 -11.15
CA GLY B 372 -2.45 -23.15 -11.84
C GLY B 372 -3.31 -24.20 -11.16
N ASP B 373 -3.33 -24.20 -9.82
CA ASP B 373 -4.18 -25.16 -9.09
C ASP B 373 -5.64 -24.86 -9.39
N MET B 374 -5.95 -23.57 -9.46
CA MET B 374 -7.30 -23.10 -9.78
C MET B 374 -7.75 -23.56 -11.15
N VAL B 375 -6.89 -23.38 -12.15
CA VAL B 375 -7.19 -23.82 -13.50
C VAL B 375 -7.50 -25.32 -13.50
N LYS B 376 -6.74 -26.10 -12.74
CA LYS B 376 -6.98 -27.52 -12.64
C LYS B 376 -8.30 -27.82 -11.95
N ALA B 377 -8.65 -27.03 -10.94
CA ALA B 377 -9.89 -27.24 -10.21
C ALA B 377 -11.09 -26.98 -11.11
N LEU B 378 -10.99 -25.99 -11.98
CA LEU B 378 -12.12 -25.67 -12.82
C LEU B 378 -12.23 -26.72 -13.95
N ALA B 379 -11.09 -27.25 -14.40
CA ALA B 379 -11.07 -28.27 -15.45
C ALA B 379 -11.39 -29.65 -14.91
N ALA B 380 -11.39 -29.81 -13.60
CA ALA B 380 -11.91 -31.04 -13.03
C ALA B 380 -13.41 -30.94 -12.76
N GLY B 381 -14.02 -29.82 -13.17
CA GLY B 381 -15.46 -29.63 -13.08
C GLY B 381 -16.05 -28.56 -12.16
N ALA B 382 -15.26 -27.92 -11.33
CA ALA B 382 -15.75 -26.83 -10.50
C ALA B 382 -16.14 -25.64 -11.36
N HIS B 383 -17.19 -24.93 -10.95
CA HIS B 383 -17.59 -23.69 -11.59
C HIS B 383 -16.77 -22.55 -11.05
N VAL B 384 -16.26 -22.75 -9.84
CA VAL B 384 -15.69 -21.66 -9.08
C VAL B 384 -14.68 -22.21 -8.06
N VAL B 385 -13.68 -21.43 -7.68
CA VAL B 385 -12.86 -21.83 -6.54
C VAL B 385 -13.05 -20.87 -5.38
N MET B 386 -12.88 -21.40 -4.17
CA MET B 386 -12.94 -20.61 -2.95
C MET B 386 -11.56 -20.57 -2.32
N LEU B 387 -11.11 -19.38 -1.91
CA LEU B 387 -9.72 -19.19 -1.49
C LEU B 387 -9.62 -18.52 -0.14
N GLY B 388 -8.99 -19.20 0.81
CA GLY B 388 -8.54 -18.56 2.04
C GLY B 388 -7.15 -17.96 2.14
N SER B 389 -6.14 -18.78 1.92
CA SER B 389 -4.76 -18.38 2.26
C SER B 389 -4.16 -17.46 1.23
N MET B 390 -4.65 -17.54 0.00
CA MET B 390 -4.20 -16.62 -1.04
C MET B 390 -4.79 -15.22 -0.84
N PHE B 391 -5.93 -15.13 -0.15
CA PHE B 391 -6.54 -13.84 0.16
C PHE B 391 -6.26 -13.26 1.53
N ALA B 392 -5.69 -14.04 2.41
CA ALA B 392 -5.65 -13.64 3.82
C ALA B 392 -4.72 -12.46 4.04
N GLY B 393 -3.77 -12.25 3.12
CA GLY B 393 -2.81 -11.18 3.30
C GLY B 393 -3.10 -9.85 2.60
N VAL B 394 -4.19 -9.77 1.86
CA VAL B 394 -4.51 -8.56 1.11
C VAL B 394 -4.97 -7.47 2.07
N ALA B 395 -4.91 -6.23 1.59
CA ALA B 395 -5.22 -5.05 2.40
C ALA B 395 -6.62 -5.08 3.01
N GLU B 396 -7.58 -5.57 2.23
CA GLU B 396 -8.99 -5.53 2.61
C GLU B 396 -9.39 -6.62 3.60
N SER B 397 -8.50 -7.56 3.91
CA SER B 397 -8.86 -8.64 4.85
C SER B 397 -8.98 -8.07 6.26
N PRO B 398 -9.82 -8.68 7.11
CA PRO B 398 -10.21 -8.11 8.41
C PRO B 398 -9.08 -7.78 9.42
N GLY B 399 -7.96 -8.50 9.43
CA GLY B 399 -6.91 -8.15 10.36
C GLY B 399 -6.22 -6.82 10.06
N GLU B 400 -5.21 -6.47 10.86
CA GLU B 400 -4.23 -5.45 10.48
C GLU B 400 -2.88 -6.07 10.46
N THR B 401 -1.93 -5.38 9.88
CA THR B 401 -0.69 -6.02 9.56
C THR B 401 0.28 -6.02 10.70
N GLU B 402 0.76 -7.19 11.01
CA GLU B 402 1.67 -7.38 12.14
C GLU B 402 3.03 -7.86 11.66
N ILE B 403 4.08 -7.58 12.43
CA ILE B 403 5.43 -7.86 11.97
C ILE B 403 6.19 -8.84 12.82
N TYR B 404 6.90 -9.73 12.14
CA TYR B 404 7.66 -10.79 12.78
C TYR B 404 9.12 -10.72 12.35
N GLN B 405 9.36 -10.87 11.04
CA GLN B 405 10.74 -10.99 10.55
C GLN B 405 11.42 -9.64 10.29
N GLY B 406 10.72 -8.54 10.52
CA GLY B 406 11.10 -7.24 10.03
C GLY B 406 10.17 -6.89 8.89
N ARG B 407 9.37 -7.88 8.49
CA ARG B 407 8.46 -7.75 7.36
C ARG B 407 7.01 -7.84 7.79
N GLN B 408 6.14 -7.28 6.96
CA GLN B 408 4.72 -7.22 7.29
C GLN B 408 3.99 -8.56 7.06
N PHE B 409 3.12 -8.91 7.99
CA PHE B 409 2.39 -10.17 7.93
C PHE B 409 0.94 -9.98 8.29
N LYS B 410 0.11 -10.94 7.95
CA LYS B 410 -1.26 -10.98 8.45
C LYS B 410 -1.55 -12.36 9.03
N VAL B 411 -2.39 -12.40 10.02
CA VAL B 411 -2.74 -13.64 10.64
C VAL B 411 -3.85 -14.39 9.92
N TYR B 412 -3.65 -15.68 9.75
CA TYR B 412 -4.60 -16.56 9.09
C TYR B 412 -4.78 -17.84 9.91
N ARG B 413 -6.00 -18.09 10.40
CA ARG B 413 -6.28 -19.31 11.13
C ARG B 413 -7.42 -20.11 10.54
N GLY B 414 -7.22 -21.42 10.44
CA GLY B 414 -8.25 -22.30 9.94
C GLY B 414 -9.38 -22.31 10.94
N MET B 415 -10.60 -22.51 10.45
CA MET B 415 -11.75 -22.49 11.34
C MET B 415 -11.74 -23.65 12.34
N GLY B 416 -10.87 -24.63 12.11
CA GLY B 416 -10.70 -25.76 13.02
C GLY B 416 -9.73 -25.52 14.17
N SER B 417 -8.98 -24.41 14.09
CA SER B 417 -8.01 -24.10 15.13
C SER B 417 -8.71 -23.76 16.43
N VAL B 418 -8.00 -23.84 17.55
CA VAL B 418 -8.58 -23.47 18.84
C VAL B 418 -8.94 -22.00 18.87
N GLY B 419 -8.09 -21.16 18.26
CA GLY B 419 -8.36 -19.74 18.14
C GLY B 419 -9.69 -19.45 17.48
N ALA B 420 -9.88 -20.01 16.29
CA ALA B 420 -11.13 -19.83 15.54
C ALA B 420 -12.33 -20.43 16.25
N MET B 421 -12.16 -21.62 16.82
CA MET B 421 -13.24 -22.29 17.54
C MET B 421 -13.69 -21.52 18.80
N GLU B 422 -12.76 -20.87 19.47
CA GLU B 422 -13.12 -20.07 20.60
C GLU B 422 -13.79 -18.77 20.17
N LYS B 423 -13.82 -18.50 18.89
CA LYS B 423 -14.52 -17.33 18.33
C LYS B 423 -15.92 -17.65 17.81
N GLY B 424 -16.37 -18.88 18.03
CA GLY B 424 -17.72 -19.29 17.62
C GLY B 424 -17.78 -20.20 16.41
N SER B 425 -16.62 -20.69 15.97
CA SER B 425 -16.56 -21.62 14.85
C SER B 425 -16.68 -23.05 15.37
N LYS B 426 -16.89 -23.16 16.67
CA LYS B 426 -17.01 -24.43 17.38
C LYS B 426 -18.00 -25.41 16.72
N ASP B 427 -19.11 -24.89 16.23
CA ASP B 427 -20.18 -25.74 15.70
C ASP B 427 -19.82 -26.49 14.42
N ARG B 428 -18.98 -25.89 13.57
CA ARG B 428 -18.61 -26.51 12.29
C ARG B 428 -18.01 -27.91 12.51
N TYR B 429 -17.27 -28.04 13.62
CA TYR B 429 -16.62 -29.28 14.00
C TYR B 429 -17.40 -30.16 14.99
N PHE B 430 -18.68 -29.83 15.15
CA PHE B 430 -19.64 -30.64 15.89
C PHE B 430 -19.33 -30.64 17.38
N GLN B 431 -18.88 -29.48 17.85
CA GLN B 431 -18.47 -29.28 19.20
C GLN B 431 -19.07 -27.99 19.75
N GLU B 432 -20.03 -28.07 20.64
CA GLU B 432 -20.66 -26.84 21.07
C GLU B 432 -20.74 -26.76 22.58
N GLY B 433 -20.31 -25.63 23.12
CA GLY B 433 -20.36 -25.37 24.55
C GLY B 433 -19.60 -26.41 25.36
N ASN B 434 -18.50 -26.89 24.82
CA ASN B 434 -17.69 -27.89 25.51
C ASN B 434 -16.37 -27.32 26.01
N LYS B 435 -15.92 -27.82 27.15
CA LYS B 435 -14.77 -27.24 27.85
C LYS B 435 -13.41 -27.62 27.25
N LYS B 436 -13.27 -28.87 26.80
CA LYS B 436 -11.99 -29.31 26.25
C LYS B 436 -12.06 -29.58 24.74
N LEU B 437 -11.45 -28.69 23.96
CA LEU B 437 -11.57 -28.72 22.49
C LEU B 437 -10.55 -29.64 21.80
N VAL B 438 -11.00 -30.31 20.76
CA VAL B 438 -10.07 -31.06 19.91
C VAL B 438 -10.01 -30.45 18.52
N PRO B 439 -8.92 -29.76 18.23
CA PRO B 439 -8.83 -28.96 16.99
C PRO B 439 -8.70 -29.80 15.72
N GLU B 440 -9.33 -29.32 14.65
CA GLU B 440 -9.07 -29.78 13.27
C GLU B 440 -8.19 -28.87 12.41
N GLY B 441 -7.64 -27.83 13.02
CA GLY B 441 -6.79 -26.90 12.31
C GLY B 441 -5.74 -26.31 13.22
N ILE B 442 -4.92 -25.41 12.65
CA ILE B 442 -3.90 -24.68 13.37
C ILE B 442 -3.84 -23.23 12.89
N GLU B 443 -2.92 -22.48 13.48
CA GLU B 443 -2.82 -21.04 13.28
C GLU B 443 -1.48 -20.67 12.61
N GLY B 444 -1.49 -19.62 11.80
CA GLY B 444 -0.30 -19.28 11.05
C GLY B 444 -0.35 -17.83 10.59
N ARG B 445 0.55 -17.45 9.71
CA ARG B 445 0.59 -16.09 9.18
C ARG B 445 1.02 -16.09 7.72
N VAL B 446 0.52 -15.10 6.98
CA VAL B 446 0.86 -14.94 5.58
C VAL B 446 1.43 -13.54 5.35
N PRO B 447 2.32 -13.40 4.34
CA PRO B 447 2.91 -12.09 3.98
C PRO B 447 1.86 -11.10 3.49
N TYR B 448 1.99 -9.83 3.87
CA TYR B 448 1.10 -8.77 3.41
C TYR B 448 1.22 -8.57 1.90
N LYS B 449 0.09 -8.65 1.21
CA LYS B 449 0.09 -8.59 -0.25
C LYS B 449 -0.33 -7.29 -0.90
N GLY B 450 -0.72 -6.28 -0.13
CA GLY B 450 -1.32 -5.11 -0.74
C GLY B 450 -2.72 -5.41 -1.26
N PRO B 451 -3.25 -4.54 -2.11
CA PRO B 451 -4.67 -4.57 -2.52
C PRO B 451 -5.08 -5.85 -3.23
N LEU B 452 -6.31 -6.27 -2.96
CA LEU B 452 -6.90 -7.44 -3.60
C LEU B 452 -6.79 -7.44 -5.12
N ALA B 453 -7.08 -6.31 -5.75
CA ALA B 453 -7.13 -6.24 -7.21
C ALA B 453 -5.90 -6.87 -7.84
N ASP B 454 -4.75 -6.60 -7.22
CA ASP B 454 -3.49 -7.07 -7.75
C ASP B 454 -3.39 -8.60 -7.72
N THR B 455 -3.89 -9.20 -6.66
CA THR B 455 -3.86 -10.63 -6.54
C THR B 455 -4.81 -11.27 -7.56
N VAL B 456 -6.05 -10.78 -7.59
CA VAL B 456 -7.04 -11.23 -8.55
C VAL B 456 -6.50 -11.14 -9.98
N HIS B 457 -5.85 -10.02 -10.28
CA HIS B 457 -5.34 -9.81 -11.63
C HIS B 457 -4.33 -10.91 -12.03
N GLN B 458 -3.50 -11.33 -11.09
CA GLN B 458 -2.56 -12.41 -11.35
C GLN B 458 -3.29 -13.74 -11.50
N LEU B 459 -4.37 -13.93 -10.75
CA LEU B 459 -5.13 -15.18 -10.76
C LEU B 459 -5.84 -15.38 -12.09
N VAL B 460 -6.67 -14.41 -12.44
CA VAL B 460 -7.40 -14.45 -13.69
C VAL B 460 -6.43 -14.51 -14.89
N GLY B 461 -5.28 -13.84 -14.79
CA GLY B 461 -4.26 -13.90 -15.82
C GLY B 461 -3.74 -15.32 -16.06
N GLY B 462 -3.46 -16.03 -14.97
CA GLY B 462 -3.01 -17.40 -15.07
C GLY B 462 -4.07 -18.29 -15.68
N LEU B 463 -5.31 -18.03 -15.28
CA LEU B 463 -6.49 -18.68 -15.84
C LEU B 463 -6.66 -18.37 -17.34
N ARG B 464 -6.32 -17.14 -17.73
CA ARG B 464 -6.44 -16.78 -19.14
C ARG B 464 -5.40 -17.50 -19.99
N ALA B 465 -4.18 -17.58 -19.48
CA ALA B 465 -3.14 -18.36 -20.11
C ALA B 465 -3.52 -19.85 -20.19
N GLY B 466 -3.97 -20.41 -19.07
CA GLY B 466 -4.43 -21.79 -19.02
C GLY B 466 -5.54 -22.13 -19.99
N MET B 467 -6.50 -21.23 -20.18
CA MET B 467 -7.60 -21.46 -21.11
C MET B 467 -7.17 -21.28 -22.55
N GLY B 468 -6.18 -20.43 -22.78
CA GLY B 468 -5.56 -20.34 -24.09
C GLY B 468 -4.87 -21.65 -24.47
N TYR B 469 -4.03 -22.16 -23.57
CA TYR B 469 -3.33 -23.43 -23.76
C TYR B 469 -4.28 -24.58 -24.03
N CYS B 470 -5.47 -24.53 -23.44
CA CYS B 470 -6.41 -25.63 -23.59
C CYS B 470 -7.42 -25.43 -24.74
N GLY B 471 -7.36 -24.30 -25.42
CA GLY B 471 -8.32 -24.02 -26.47
C GLY B 471 -9.73 -23.85 -25.92
N ALA B 472 -9.83 -23.42 -24.67
CA ALA B 472 -11.12 -23.15 -24.07
C ALA B 472 -11.52 -21.68 -24.25
N GLN B 473 -12.64 -21.48 -24.93
CA GLN B 473 -13.24 -20.17 -25.21
C GLN B 473 -13.98 -19.62 -23.98
N ASP B 474 -14.46 -20.53 -23.14
CA ASP B 474 -15.16 -20.20 -21.92
C ASP B 474 -15.03 -21.36 -20.93
N LEU B 475 -15.34 -21.08 -19.67
CA LEU B 475 -15.25 -22.07 -18.62
C LEU B 475 -16.02 -23.38 -18.85
N GLU B 476 -17.17 -23.30 -19.50
CA GLU B 476 -17.96 -24.50 -19.72
C GLU B 476 -17.23 -25.46 -20.63
N PHE B 477 -16.45 -24.90 -21.55
CA PHE B 477 -15.67 -25.70 -22.47
C PHE B 477 -14.51 -26.30 -21.73
N LEU B 478 -13.95 -25.53 -20.82
CA LEU B 478 -12.89 -26.00 -19.96
C LEU B 478 -13.33 -27.20 -19.11
N ARG B 479 -14.40 -27.03 -18.33
CA ARG B 479 -14.95 -28.13 -17.52
C ARG B 479 -15.19 -29.35 -18.40
N GLU B 480 -15.79 -29.12 -19.57
CA GLU B 480 -16.22 -30.21 -20.40
C GLU B 480 -15.13 -30.92 -21.21
N ASN B 481 -14.21 -30.16 -21.83
CA ASN B 481 -13.21 -30.78 -22.70
C ASN B 481 -11.79 -30.92 -22.20
N ALA B 482 -11.46 -30.33 -21.07
CA ALA B 482 -10.05 -30.31 -20.71
C ALA B 482 -9.55 -31.69 -20.31
N GLN B 483 -8.35 -32.02 -20.75
CA GLN B 483 -7.77 -33.31 -20.41
C GLN B 483 -6.53 -33.14 -19.54
N PHE B 484 -6.31 -34.10 -18.64
CA PHE B 484 -5.18 -34.09 -17.74
C PHE B 484 -4.24 -35.21 -18.10
N ILE B 485 -2.98 -35.06 -17.72
CA ILE B 485 -2.06 -36.17 -17.74
C ILE B 485 -1.48 -36.29 -16.32
N ARG B 486 -1.38 -37.51 -15.83
CA ARG B 486 -0.85 -37.78 -14.51
C ARG B 486 0.68 -37.87 -14.52
N MET B 487 1.31 -37.36 -13.48
CA MET B 487 2.76 -37.48 -13.38
C MET B 487 3.16 -37.98 -12.01
N SER B 488 4.46 -38.18 -11.84
CA SER B 488 5.09 -38.60 -10.59
C SER B 488 5.65 -37.37 -9.87
N GLY B 489 6.29 -37.59 -8.74
CA GLY B 489 6.98 -36.52 -8.05
C GLY B 489 8.09 -35.95 -8.91
N ALA B 490 8.82 -36.82 -9.60
CA ALA B 490 9.86 -36.37 -10.55
C ALA B 490 9.25 -35.40 -11.57
N GLY B 491 8.03 -35.68 -12.02
CA GLY B 491 7.32 -34.76 -12.89
C GLY B 491 7.09 -33.40 -12.25
N LEU B 492 6.82 -33.39 -10.95
CA LEU B 492 6.43 -32.14 -10.29
C LEU B 492 7.64 -31.24 -10.05
N LEU B 493 8.77 -31.82 -9.65
CA LEU B 493 10.02 -31.07 -9.59
C LEU B 493 10.37 -30.43 -10.95
N GLU B 494 10.01 -31.09 -12.05
CA GLU B 494 10.28 -30.56 -13.38
C GLU B 494 9.35 -29.39 -13.75
N SER B 495 8.18 -29.39 -13.15
CA SER B 495 7.18 -28.39 -13.47
C SER B 495 7.56 -27.07 -12.80
N HIS B 496 7.96 -27.14 -11.54
CA HIS B 496 8.49 -25.98 -10.85
C HIS B 496 9.87 -25.65 -11.40
N PRO B 497 10.34 -24.41 -11.16
CA PRO B 497 11.74 -24.13 -11.42
C PRO B 497 12.66 -25.07 -10.67
N HIS B 498 13.78 -25.44 -11.28
CA HIS B 498 14.72 -26.38 -10.69
C HIS B 498 16.19 -26.03 -10.91
N HIS B 499 17.00 -26.35 -9.90
CA HIS B 499 18.48 -26.38 -9.98
C HIS B 499 19.18 -25.06 -10.39
N VAL B 500 18.46 -23.95 -10.23
CA VAL B 500 19.00 -22.65 -10.57
C VAL B 500 18.76 -21.73 -9.38
N GLN B 501 19.77 -20.98 -8.95
CA GLN B 501 19.57 -20.09 -7.81
C GLN B 501 18.74 -18.87 -8.23
N ILE B 502 17.59 -18.71 -7.57
CA ILE B 502 16.61 -17.69 -7.93
C ILE B 502 16.91 -16.34 -7.27
N THR B 503 17.18 -15.33 -8.09
CA THR B 503 17.46 -13.99 -7.58
C THR B 503 16.18 -13.20 -7.33
N LYS B 504 15.23 -13.37 -8.23
CA LYS B 504 14.02 -12.56 -8.23
C LYS B 504 12.77 -13.38 -8.58
N GLU B 505 11.75 -13.31 -7.72
CA GLU B 505 10.50 -14.02 -7.99
C GLU B 505 9.49 -13.17 -8.77
N ALA B 506 8.35 -13.76 -9.08
CA ALA B 506 7.29 -13.04 -9.77
C ALA B 506 6.10 -13.10 -8.84
N PRO B 507 5.13 -12.17 -9.00
CA PRO B 507 4.00 -12.12 -8.07
C PRO B 507 3.14 -13.39 -8.10
N ASN B 508 3.11 -14.10 -9.22
CA ASN B 508 2.33 -15.31 -9.31
C ASN B 508 3.12 -16.58 -9.01
N TYR B 509 4.40 -16.44 -8.70
CA TYR B 509 5.20 -17.58 -8.23
C TYR B 509 6.15 -17.28 -7.05
N SER B 510 5.88 -17.88 -5.94
CA SER B 510 6.75 -17.56 -4.84
C SER B 510 7.06 -18.80 -4.01
#